data_2EAU
#
_entry.id   2EAU
#
_cell.length_a   71.648
_cell.length_b   71.648
_cell.length_c   586.246
_cell.angle_alpha   90.00
_cell.angle_beta   90.00
_cell.angle_gamma   90.00
#
_symmetry.space_group_name_H-M   'P 41 21 2'
#
loop_
_entity.id
_entity.type
_entity.pdbx_description
1 polymer 'Sarcoplasmic/endoplasmic reticulum calcium ATPase 1'
2 non-polymer "(6AR,11AS,11BR)-10-ACETYL-9-HYDROXY-7,7-DIMETHYL-2,6,6A,7,11A,11B-HEXAHYDRO-11H-PYRROLO[1',2':2,3]ISOINDOLO[4,5,6-CD]INDOL-11-ONE"
3 non-polymer PHOSPHATIDYLETHANOLAMINE
#
_entity_poly.entity_id   1
_entity_poly.type   'polypeptide(L)'
_entity_poly.pdbx_seq_one_letter_code
;(ACE)MEAAHSKSTEECLAYFGVSETTGLTPDQVKRHLEKYGHNELPAEEGKSLWELVIEQFEDLLVRILLLAACISFVL
AWFEEGEETITAFVEPFVILLILIANAIVGVWQERNAENAIEALKEYEPEMGKVYRADRKSVQRIKARDIVPGDIVEVAV
GDKVPADIRILSIKSTTLRVDQSILTGESVSVIKHTEPVPDPRAVNQDKKNMLFSGTNIAAGKALGIVATTGVSTEIGKI
RDQMAATEQDKTPLQQKLDEFGEQLSKVISLICVAVWLINIGHFNDPVHGGSWIRGAIYYFKIAVALAVAAIPEGLPAVI
TTCLALGTRRMAKKNAIVRSLPSVETLGCTSVICSDKTGTLTTNQMSVCKMFIIDKVDGDFCSLNEFSITGSTYAPEGEV
LKNDKPIRSGQFDGLVELATICALCNDSSLDFNETKGVYEKVGEATETALTTLVEKMNVFNTEVRNLSKVERANACNSVI
RQLMKKEFTLEFSRDRKSMSVYCSPAKSSRAAVGNKMFVKGAPEGVIDRCNYVRVGTTRVPMTGPVKEKILSVIKEWGTG
RDTLRCLALATRDTPPKREEMVLDDSSRFMEYETDLTFVGVVGMLDPPRKEVMGSIQLCRDAGIRVIMITGDNKGTAIAI
CRRIGIFGENEEVADRAYTGREFDDLPLAEQREACRRACCFARVEPSHKSKIVEYLQSYDEITAMTGDGVNDAPALKKAE
IGIAMGSGTAVAKTASEMVLADDNFSTIVAAVEEGRAIYNNMKQFIRYLISSNVGEVVCIFLTAALGLPEALIPVQLLWV
NLVTDGLPATALGFNPPDLDIMDRPPRSPKEPLISGWLFFRYMAIGGYVGAATVGAAAWWFMYAEDGPGVTYHQLTHFMQ
CTEDHPHFEGLDCEIFEAPEPMTMALSVLVTIEMCNALNSLSENQSLMRMPPWVNIWLLGSICLSMSLHFLILYVDPLPM
IFKLKALDLTQWLMVLKISLPVIGLDEILKFIARNYLEG
;
_entity_poly.pdbx_strand_id   A
#
loop_
_chem_comp.id
_chem_comp.type
_chem_comp.name
_chem_comp.formula
ACE non-polymer 'ACETYL GROUP' 'C2 H4 O'
CZA non-polymer (6AR,11AS,11BR)-10-ACETYL-9-HYDROXY-7,7-DIMETHYL-2,6,6A,7,11A,11B-HEXAHYDRO-11H-PYRROLO[1',2':2,3]ISOINDOLO[4,5,6-CD]INDOL-11-ONE 'C20 H20 N2 O3'
PTY non-polymer PHOSPHATIDYLETHANOLAMINE 'C40 H80 N O8 P'
#
# COMPACT_ATOMS: atom_id res chain seq x y z
C ACE A 1 14.40 30.21 -13.23
O ACE A 1 13.97 31.36 -13.25
CH3 ACE A 1 15.34 29.76 -12.13
N MET A 2 14.10 29.77 -13.79
CA MET A 2 13.31 29.78 -15.07
C MET A 2 12.52 28.48 -15.32
N GLU A 3 11.32 28.38 -14.75
CA GLU A 3 10.53 27.17 -14.89
C GLU A 3 9.56 27.03 -16.04
N ALA A 4 9.51 28.00 -16.96
CA ALA A 4 8.61 27.89 -18.11
C ALA A 4 9.45 27.76 -19.40
N ALA A 5 10.71 27.36 -19.21
CA ALA A 5 11.68 27.18 -20.28
C ALA A 5 11.19 26.34 -21.45
N HIS A 6 10.33 25.35 -21.19
CA HIS A 6 9.83 24.53 -22.27
C HIS A 6 9.05 25.36 -23.29
N SER A 7 8.34 26.37 -22.81
CA SER A 7 7.53 27.23 -23.67
C SER A 7 8.33 28.40 -24.28
N LYS A 8 9.53 28.66 -23.79
CA LYS A 8 10.30 29.73 -24.37
C LYS A 8 11.18 29.20 -25.49
N SER A 9 11.67 30.10 -26.33
CA SER A 9 12.55 29.70 -27.41
C SER A 9 13.96 29.50 -26.86
N THR A 10 14.76 28.79 -27.64
CA THR A 10 16.14 28.51 -27.30
C THR A 10 16.90 29.85 -27.09
N GLU A 11 16.60 30.84 -27.92
CA GLU A 11 17.23 32.16 -27.79
C GLU A 11 16.74 32.85 -26.51
N GLU A 12 15.43 32.81 -26.30
CA GLU A 12 14.84 33.42 -25.12
C GLU A 12 15.51 32.91 -23.85
N CYS A 13 15.72 31.60 -23.75
CA CYS A 13 16.35 31.05 -22.56
C CYS A 13 17.76 31.57 -22.45
N LEU A 14 18.51 31.54 -23.55
CA LEU A 14 19.88 32.06 -23.52
C LEU A 14 19.87 33.53 -23.01
N ALA A 15 18.89 34.32 -23.47
CA ALA A 15 18.80 35.71 -23.04
C ALA A 15 18.47 35.83 -21.55
N TYR A 16 17.39 35.19 -21.11
CA TYR A 16 16.98 35.26 -19.71
C TYR A 16 18.14 35.22 -18.71
N PHE A 17 19.01 34.22 -18.87
CA PHE A 17 20.16 34.04 -17.99
C PHE A 17 21.40 34.81 -18.49
N GLY A 18 21.28 35.48 -19.63
CA GLY A 18 22.39 36.21 -20.21
C GLY A 18 23.66 35.36 -20.32
N VAL A 19 23.57 34.21 -20.98
CA VAL A 19 24.72 33.30 -21.15
C VAL A 19 24.94 32.92 -22.62
N SER A 20 26.19 32.61 -22.97
CA SER A 20 26.51 32.22 -24.36
C SER A 20 26.61 30.72 -24.54
N GLU A 21 25.94 30.25 -25.58
CA GLU A 21 25.92 28.83 -25.88
C GLU A 21 27.34 28.31 -26.16
N THR A 22 28.23 29.22 -26.54
CA THR A 22 29.59 28.85 -26.89
C THR A 22 30.59 28.75 -25.75
N THR A 23 30.45 29.60 -24.74
CA THR A 23 31.37 29.60 -23.62
C THR A 23 30.69 29.27 -22.30
N GLY A 24 29.39 29.53 -22.24
CA GLY A 24 28.64 29.25 -21.04
C GLY A 24 28.81 30.34 -19.98
N LEU A 25 28.23 30.11 -18.82
CA LEU A 25 28.33 31.09 -17.75
C LEU A 25 29.79 31.26 -17.44
N THR A 26 30.11 32.38 -16.80
CA THR A 26 31.47 32.68 -16.41
C THR A 26 31.56 32.48 -14.91
N PRO A 27 32.79 32.30 -14.39
CA PRO A 27 32.93 32.11 -12.95
C PRO A 27 32.25 33.20 -12.09
N ASP A 28 32.05 34.40 -12.63
CA ASP A 28 31.36 35.43 -11.85
C ASP A 28 29.87 35.14 -11.94
N GLN A 29 29.43 34.68 -13.10
CA GLN A 29 28.03 34.32 -13.25
C GLN A 29 27.79 33.05 -12.42
N VAL A 30 28.75 32.13 -12.43
CA VAL A 30 28.61 30.91 -11.67
C VAL A 30 28.30 31.20 -10.20
N LYS A 31 29.17 31.97 -9.54
CA LYS A 31 29.00 32.31 -8.13
C LYS A 31 27.69 33.05 -7.90
N ARG A 32 27.41 34.03 -8.74
CA ARG A 32 26.18 34.79 -8.56
C ARG A 32 24.94 33.90 -8.70
N HIS A 33 25.03 32.88 -9.54
CA HIS A 33 23.91 31.98 -9.75
C HIS A 33 23.76 30.97 -8.64
N LEU A 34 24.90 30.60 -8.07
CA LEU A 34 24.91 29.63 -7.01
C LEU A 34 24.36 30.26 -5.75
N GLU A 35 24.61 31.54 -5.58
CA GLU A 35 24.14 32.23 -4.40
C GLU A 35 22.66 32.56 -4.48
N LYS A 36 22.09 32.52 -5.67
CA LYS A 36 20.68 32.85 -5.82
C LYS A 36 19.76 31.63 -5.83
N TYR A 37 20.25 30.50 -6.34
CA TYR A 37 19.49 29.27 -6.50
C TYR A 37 19.87 28.10 -5.62
N GLY A 38 20.98 28.24 -4.90
CA GLY A 38 21.45 27.18 -4.05
C GLY A 38 22.22 26.16 -4.86
N HIS A 39 22.63 25.05 -4.24
CA HIS A 39 23.36 23.99 -4.95
C HIS A 39 22.33 23.02 -5.53
N ASN A 40 22.69 22.37 -6.63
CA ASN A 40 21.78 21.44 -7.30
C ASN A 40 21.63 20.08 -6.63
N GLU A 41 20.86 20.04 -5.55
CA GLU A 41 20.62 18.80 -4.84
C GLU A 41 19.40 18.94 -3.96
N LEU A 42 18.83 17.79 -3.61
CA LEU A 42 17.65 17.73 -2.76
C LEU A 42 18.11 17.87 -1.33
N PRO A 43 17.27 18.47 -0.48
CA PRO A 43 17.63 18.65 0.94
C PRO A 43 17.76 17.34 1.69
N ALA A 44 18.83 17.25 2.47
CA ALA A 44 19.13 16.07 3.27
C ALA A 44 18.12 15.92 4.41
N GLU A 45 17.96 14.70 4.90
CA GLU A 45 17.03 14.43 5.99
C GLU A 45 17.74 14.34 7.33
N GLU A 46 17.12 14.89 8.36
CA GLU A 46 17.66 14.83 9.70
C GLU A 46 16.72 13.89 10.46
N GLY A 47 16.90 12.59 10.22
CA GLY A 47 16.07 11.60 10.88
C GLY A 47 15.95 11.80 12.38
N LYS A 48 14.81 11.38 12.94
CA LYS A 48 14.59 11.52 14.37
C LYS A 48 15.71 10.79 15.10
N SER A 49 16.09 11.33 16.24
CA SER A 49 17.15 10.78 17.07
C SER A 49 16.66 9.57 17.87
N LEU A 50 17.48 8.53 17.89
CA LEU A 50 17.14 7.32 18.62
C LEU A 50 16.69 7.66 20.04
N TRP A 51 17.24 8.73 20.59
CA TRP A 51 16.90 9.19 21.93
C TRP A 51 15.62 10.02 21.90
N GLU A 52 15.45 10.78 20.82
CA GLU A 52 14.26 11.62 20.64
C GLU A 52 13.07 10.71 20.51
N LEU A 53 13.18 9.72 19.63
CA LEU A 53 12.11 8.76 19.43
C LEU A 53 11.72 8.12 20.77
N VAL A 54 12.69 7.46 21.42
CA VAL A 54 12.40 6.83 22.70
C VAL A 54 11.74 7.84 23.62
N ILE A 55 12.39 8.97 23.85
CA ILE A 55 11.79 10.02 24.68
C ILE A 55 10.32 10.24 24.30
N GLU A 56 10.03 10.40 23.01
CA GLU A 56 8.65 10.63 22.61
C GLU A 56 7.74 9.44 23.01
N GLN A 57 8.29 8.20 23.15
CA GLN A 57 7.48 7.05 23.54
C GLN A 57 7.04 7.22 24.99
N PHE A 58 7.87 7.81 25.83
CA PHE A 58 7.50 8.05 27.22
C PHE A 58 6.68 9.33 27.28
N GLU A 59 6.18 9.74 26.13
CA GLU A 59 5.39 10.95 26.05
C GLU A 59 3.94 10.54 26.26
N ASP A 60 3.71 9.24 26.18
CA ASP A 60 2.39 8.67 26.35
C ASP A 60 1.93 8.74 27.79
N LEU A 61 0.63 8.93 27.98
CA LEU A 61 0.09 9.04 29.31
C LEU A 61 0.25 7.78 30.16
N LEU A 62 -0.17 6.64 29.62
CA LEU A 62 -0.04 5.42 30.39
C LEU A 62 1.41 5.14 30.69
N VAL A 63 2.29 5.22 29.71
CA VAL A 63 3.68 4.93 30.01
C VAL A 63 4.14 5.79 31.21
N ARG A 64 3.58 6.99 31.36
CA ARG A 64 3.95 7.83 32.50
C ARG A 64 3.44 7.20 33.79
N ILE A 65 2.12 7.01 33.89
CA ILE A 65 1.48 6.40 35.07
C ILE A 65 2.23 5.15 35.52
N LEU A 66 2.83 4.42 34.59
CA LEU A 66 3.57 3.23 34.96
C LEU A 66 4.97 3.66 35.39
N LEU A 67 5.51 4.67 34.73
CA LEU A 67 6.82 5.18 35.08
C LEU A 67 6.78 5.65 36.53
N LEU A 68 5.86 6.58 36.81
CA LEU A 68 5.67 7.11 38.16
C LEU A 68 5.67 5.95 39.15
N ALA A 69 4.89 4.92 38.85
CA ALA A 69 4.79 3.75 39.71
C ALA A 69 6.19 3.22 40.00
N ALA A 70 6.97 2.96 38.96
CA ALA A 70 8.32 2.46 39.17
C ALA A 70 9.05 3.41 40.14
N CYS A 71 8.65 4.68 40.13
CA CYS A 71 9.25 5.66 41.04
C CYS A 71 8.74 5.43 42.45
N ILE A 72 7.43 5.21 42.54
CA ILE A 72 6.80 4.96 43.84
C ILE A 72 7.37 3.66 44.35
N SER A 73 7.71 2.77 43.43
CA SER A 73 8.26 1.48 43.79
C SER A 73 9.70 1.63 44.28
N PHE A 74 10.47 2.53 43.67
CA PHE A 74 11.86 2.71 44.09
C PHE A 74 11.90 3.30 45.51
N VAL A 75 11.17 4.38 45.72
CA VAL A 75 11.12 5.02 47.03
C VAL A 75 10.82 3.95 48.09
N LEU A 76 9.76 3.17 47.87
CA LEU A 76 9.40 2.11 48.81
C LEU A 76 10.49 1.04 48.88
N ALA A 77 11.07 0.69 47.73
CA ALA A 77 12.11 -0.35 47.70
C ALA A 77 13.28 0.03 48.60
N TRP A 78 13.46 1.33 48.84
CA TRP A 78 14.55 1.82 49.68
C TRP A 78 14.11 2.11 51.12
N PHE A 79 12.95 2.73 51.27
CA PHE A 79 12.43 3.06 52.60
C PHE A 79 11.81 1.80 53.23
N GLU A 80 12.51 0.67 53.09
CA GLU A 80 12.04 -0.60 53.63
C GLU A 80 13.10 -1.29 54.48
N GLU A 81 12.66 -2.07 55.46
CA GLU A 81 13.56 -2.79 56.37
C GLU A 81 13.16 -4.27 56.48
N GLY A 82 13.94 -5.15 55.86
CA GLY A 82 13.65 -6.56 55.90
C GLY A 82 14.73 -7.41 55.27
N GLU A 83 14.66 -8.73 55.45
CA GLU A 83 15.65 -9.64 54.88
C GLU A 83 15.30 -10.10 53.47
N GLU A 84 14.15 -9.66 52.97
CA GLU A 84 13.73 -10.01 51.62
C GLU A 84 14.55 -9.14 50.66
N THR A 85 15.53 -8.44 51.21
CA THR A 85 16.42 -7.56 50.45
C THR A 85 17.02 -8.23 49.21
N ILE A 86 17.03 -9.56 49.24
CA ILE A 86 17.55 -10.36 48.13
C ILE A 86 16.74 -10.09 46.85
N THR A 87 15.54 -9.54 47.03
CA THR A 87 14.64 -9.23 45.92
C THR A 87 13.79 -8.03 46.27
N ALA A 88 14.39 -7.02 46.87
CA ALA A 88 13.66 -5.81 47.27
C ALA A 88 13.69 -4.73 46.20
N PHE A 89 14.40 -4.98 45.11
CA PHE A 89 14.48 -4.01 44.02
C PHE A 89 14.00 -4.58 42.68
N VAL A 90 13.66 -5.87 42.65
CA VAL A 90 13.17 -6.52 41.44
C VAL A 90 11.95 -5.80 40.90
N GLU A 91 11.02 -5.47 41.80
CA GLU A 91 9.82 -4.77 41.40
C GLU A 91 10.11 -3.49 40.62
N PRO A 92 10.62 -2.43 41.28
CA PRO A 92 10.89 -1.22 40.50
C PRO A 92 11.86 -1.41 39.32
N PHE A 93 12.61 -2.52 39.35
CA PHE A 93 13.57 -2.83 38.28
C PHE A 93 12.84 -3.41 37.06
N VAL A 94 12.10 -4.49 37.30
CA VAL A 94 11.35 -5.15 36.24
C VAL A 94 10.39 -4.17 35.61
N ILE A 95 9.71 -3.37 36.43
CA ILE A 95 8.77 -2.38 35.92
C ILE A 95 9.46 -1.46 34.90
N LEU A 96 10.53 -0.81 35.33
CA LEU A 96 11.29 0.08 34.46
C LEU A 96 11.76 -0.63 33.20
N LEU A 97 12.25 -1.87 33.37
CA LEU A 97 12.74 -2.66 32.25
C LEU A 97 11.68 -2.79 31.18
N ILE A 98 10.55 -3.40 31.55
CA ILE A 98 9.42 -3.58 30.64
C ILE A 98 9.17 -2.29 29.89
N LEU A 99 9.26 -1.18 30.62
CA LEU A 99 9.07 0.14 30.02
C LEU A 99 10.08 0.39 28.89
N ILE A 100 11.30 -0.15 29.04
CA ILE A 100 12.34 -0.01 28.03
C ILE A 100 11.98 -0.90 26.86
N ALA A 101 12.09 -2.21 27.06
CA ALA A 101 11.76 -3.20 26.03
C ALA A 101 10.53 -2.79 25.22
N ASN A 102 9.51 -2.26 25.89
CA ASN A 102 8.31 -1.85 25.18
C ASN A 102 8.48 -0.60 24.31
N ALA A 103 9.25 0.38 24.80
CA ALA A 103 9.46 1.60 24.02
C ALA A 103 10.23 1.26 22.74
N ILE A 104 11.24 0.40 22.88
CA ILE A 104 12.02 -0.03 21.73
C ILE A 104 11.05 -0.65 20.73
N VAL A 105 10.34 -1.68 21.16
CA VAL A 105 9.36 -2.33 20.31
C VAL A 105 8.49 -1.29 19.62
N GLY A 106 8.13 -0.23 20.34
CA GLY A 106 7.29 0.81 19.77
C GLY A 106 8.01 1.57 18.67
N VAL A 107 9.29 1.83 18.93
CA VAL A 107 10.17 2.54 18.02
C VAL A 107 10.62 1.65 16.87
N TRP A 108 10.31 0.36 16.95
CA TRP A 108 10.71 -0.54 15.88
C TRP A 108 9.72 -0.38 14.74
N GLN A 109 9.35 0.87 14.48
CA GLN A 109 8.42 1.25 13.42
C GLN A 109 9.03 2.37 12.58
N GLU A 110 10.35 2.53 12.68
CA GLU A 110 11.06 3.59 11.94
C GLU A 110 12.54 3.30 11.65
N ARG A 111 13.09 2.27 12.30
CA ARG A 111 14.50 1.89 12.11
C ARG A 111 14.78 1.65 10.63
N ASN A 112 14.06 0.68 10.05
CA ASN A 112 14.20 0.33 8.64
C ASN A 112 12.90 0.54 7.85
N ALA A 113 12.87 1.59 7.02
CA ALA A 113 11.71 1.90 6.20
C ALA A 113 12.07 2.96 5.14
N GLU A 114 12.90 2.60 4.17
CA GLU A 114 13.31 3.53 3.10
C GLU A 114 12.09 4.23 2.49
N ASN A 115 12.02 5.54 2.71
CA ASN A 115 10.92 6.35 2.21
C ASN A 115 11.28 7.04 0.89
N ALA A 116 10.25 7.44 0.14
CA ALA A 116 10.45 8.08 -1.14
C ALA A 116 11.33 9.33 -1.02
N ILE A 117 10.95 10.24 -0.12
CA ILE A 117 11.69 11.47 0.05
C ILE A 117 13.19 11.22 0.13
N GLU A 118 13.59 10.01 0.48
CA GLU A 118 15.02 9.73 0.55
C GLU A 118 15.48 8.91 -0.64
N ALA A 119 14.65 7.96 -1.07
CA ALA A 119 15.00 7.13 -2.22
C ALA A 119 15.19 8.00 -3.47
N LEU A 120 14.73 9.26 -3.43
CA LEU A 120 14.86 10.15 -4.57
C LEU A 120 16.30 10.55 -4.89
N LYS A 121 17.21 10.34 -3.94
CA LYS A 121 18.63 10.65 -4.18
C LYS A 121 19.24 9.60 -5.10
N GLU A 122 18.58 8.46 -5.21
CA GLU A 122 19.04 7.38 -6.07
C GLU A 122 19.03 7.88 -7.51
N TYR A 123 18.23 8.91 -7.78
CA TYR A 123 18.14 9.43 -9.15
C TYR A 123 19.04 10.61 -9.52
N GLU A 124 19.50 11.43 -8.49
CA GLU A 124 20.41 12.54 -8.78
C GLU A 124 21.80 11.93 -8.87
N PRO A 125 22.52 12.16 -9.99
CA PRO A 125 23.87 11.61 -10.19
C PRO A 125 24.94 12.41 -9.47
N GLU A 126 26.16 11.88 -9.46
CA GLU A 126 27.23 12.55 -8.76
C GLU A 126 27.90 13.60 -9.65
N MET A 127 28.01 13.32 -10.94
CA MET A 127 28.67 14.26 -11.85
C MET A 127 27.82 14.73 -13.01
N GLY A 128 28.19 15.89 -13.56
CA GLY A 128 27.50 16.46 -14.71
C GLY A 128 28.57 17.06 -15.60
N LYS A 129 28.22 17.42 -16.83
CA LYS A 129 29.20 18.00 -17.75
C LYS A 129 28.82 19.41 -18.19
N VAL A 130 29.69 20.39 -17.95
CA VAL A 130 29.38 21.78 -18.36
C VAL A 130 30.46 22.46 -19.20
N TYR A 131 30.06 23.54 -19.85
CA TYR A 131 30.95 24.36 -20.66
C TYR A 131 30.97 25.73 -20.01
N ARG A 132 32.08 26.07 -19.37
CA ARG A 132 32.17 27.37 -18.71
C ARG A 132 33.21 28.29 -19.33
N ALA A 133 32.93 29.59 -19.25
CA ALA A 133 33.81 30.61 -19.80
C ALA A 133 35.30 30.40 -19.51
N ASP A 134 35.62 29.64 -18.47
CA ASP A 134 37.02 29.40 -18.10
C ASP A 134 37.66 28.21 -18.82
N ARG A 135 37.18 27.90 -20.03
CA ARG A 135 37.74 26.80 -20.81
C ARG A 135 37.07 26.60 -22.15
N LYS A 136 37.71 25.77 -22.97
CA LYS A 136 37.23 25.48 -24.31
C LYS A 136 36.56 24.11 -24.32
N SER A 137 37.17 23.17 -23.62
CA SER A 137 36.60 21.84 -23.59
C SER A 137 35.61 21.66 -22.43
N VAL A 138 34.84 20.59 -22.51
CA VAL A 138 33.85 20.26 -21.51
C VAL A 138 34.54 19.80 -20.23
N GLN A 139 34.06 20.26 -19.08
CA GLN A 139 34.64 19.80 -17.82
C GLN A 139 33.56 19.07 -17.04
N ARG A 140 33.91 17.98 -16.35
CA ARG A 140 32.91 17.23 -15.63
C ARG A 140 32.92 17.50 -14.15
N ILE A 141 32.01 18.36 -13.71
CA ILE A 141 31.95 18.73 -12.31
C ILE A 141 30.89 17.98 -11.53
N LYS A 142 30.89 18.22 -10.23
CA LYS A 142 29.94 17.60 -9.33
C LYS A 142 28.55 18.16 -9.69
N ALA A 143 27.61 17.26 -9.95
CA ALA A 143 26.24 17.65 -10.33
C ALA A 143 25.71 18.58 -9.26
N ARG A 144 26.18 18.36 -8.06
CA ARG A 144 25.82 19.16 -6.92
C ARG A 144 26.09 20.63 -7.22
N ASP A 145 27.11 20.90 -8.03
CA ASP A 145 27.49 22.29 -8.34
C ASP A 145 27.02 22.90 -9.67
N ILE A 146 26.04 22.28 -10.33
CA ILE A 146 25.49 22.81 -11.58
C ILE A 146 24.40 23.82 -11.17
N VAL A 147 24.29 24.94 -11.88
CA VAL A 147 23.30 25.95 -11.53
C VAL A 147 22.50 26.35 -12.75
N PRO A 148 21.30 26.92 -12.55
CA PRO A 148 20.45 27.32 -13.68
C PRO A 148 21.18 28.33 -14.56
N GLY A 149 21.15 28.10 -15.86
CA GLY A 149 21.81 29.01 -16.76
C GLY A 149 23.09 28.49 -17.38
N ASP A 150 23.79 27.51 -16.78
CA ASP A 150 24.98 27.08 -17.51
C ASP A 150 24.68 26.07 -18.61
N ILE A 151 25.69 25.77 -19.41
CA ILE A 151 25.56 24.88 -20.53
C ILE A 151 26.03 23.49 -20.17
N VAL A 152 25.18 22.51 -20.42
CA VAL A 152 25.53 21.13 -20.10
C VAL A 152 25.52 20.27 -21.34
N GLU A 153 26.10 19.09 -21.20
CA GLU A 153 26.17 18.11 -22.27
C GLU A 153 25.76 16.74 -21.77
N VAL A 154 24.92 16.06 -22.54
CA VAL A 154 24.48 14.71 -22.18
C VAL A 154 24.58 13.84 -23.42
N ALA A 155 25.03 12.60 -23.22
CA ALA A 155 25.18 11.63 -24.29
C ALA A 155 24.69 10.28 -23.73
N VAL A 156 24.46 9.31 -24.63
CA VAL A 156 23.98 8.00 -24.22
C VAL A 156 24.69 7.42 -22.99
N GLY A 157 23.91 7.05 -21.99
CA GLY A 157 24.43 6.49 -20.75
C GLY A 157 24.32 7.44 -19.57
N ASP A 158 24.27 8.73 -19.87
CA ASP A 158 24.20 9.74 -18.82
C ASP A 158 22.88 9.82 -18.13
N LYS A 159 22.95 10.24 -16.87
CA LYS A 159 21.78 10.47 -16.06
C LYS A 159 21.71 11.99 -16.02
N VAL A 160 20.64 12.56 -16.55
CA VAL A 160 20.47 14.01 -16.60
C VAL A 160 20.58 14.62 -15.19
N PRO A 161 21.52 15.54 -15.00
CA PRO A 161 21.74 16.16 -13.69
C PRO A 161 20.87 17.36 -13.27
N ALA A 162 19.91 17.77 -14.10
CA ALA A 162 19.06 18.92 -13.77
C ALA A 162 17.99 19.11 -14.82
N ASP A 163 17.06 20.03 -14.56
CA ASP A 163 16.03 20.27 -15.54
C ASP A 163 16.63 21.19 -16.57
N ILE A 164 16.93 20.58 -17.72
CA ILE A 164 17.57 21.23 -18.86
C ILE A 164 16.70 21.40 -20.09
N ARG A 165 16.74 22.62 -20.64
CA ARG A 165 16.04 23.03 -21.85
C ARG A 165 17.03 22.71 -22.96
N ILE A 166 16.64 21.89 -23.95
CA ILE A 166 17.63 21.56 -24.98
C ILE A 166 17.88 22.68 -25.99
N LEU A 167 19.17 22.98 -26.17
CA LEU A 167 19.61 24.03 -27.08
C LEU A 167 19.80 23.49 -28.48
N SER A 168 20.52 22.37 -28.58
CA SER A 168 20.75 21.76 -29.89
C SER A 168 21.05 20.29 -29.77
N ILE A 169 20.61 19.54 -30.77
CA ILE A 169 20.85 18.10 -30.80
C ILE A 169 21.99 17.76 -31.76
N LYS A 170 23.08 17.25 -31.18
CA LYS A 170 24.27 16.87 -31.93
C LYS A 170 24.09 15.55 -32.67
N SER A 171 23.48 14.57 -32.02
CA SER A 171 23.24 13.31 -32.70
C SER A 171 22.11 13.47 -33.74
N THR A 172 21.82 12.38 -34.45
CA THR A 172 20.77 12.37 -35.48
C THR A 172 19.40 12.49 -34.85
N THR A 173 19.24 11.85 -33.70
CA THR A 173 18.00 11.90 -32.96
C THR A 173 18.34 11.64 -31.50
N LEU A 174 17.65 12.32 -30.59
CA LEU A 174 17.90 12.16 -29.17
C LEU A 174 16.79 11.36 -28.51
N ARG A 175 17.18 10.31 -27.80
CA ARG A 175 16.23 9.44 -27.13
C ARG A 175 16.45 9.38 -25.64
N VAL A 176 15.37 9.60 -24.90
CA VAL A 176 15.44 9.59 -23.45
C VAL A 176 14.52 8.53 -22.82
N ASP A 177 15.04 7.89 -21.79
CA ASP A 177 14.34 6.89 -21.01
C ASP A 177 13.69 7.61 -19.83
N GLN A 178 12.41 7.95 -19.93
CA GLN A 178 11.78 8.66 -18.82
C GLN A 178 11.09 7.80 -17.77
N SER A 179 11.58 6.56 -17.68
CA SER A 179 11.08 5.55 -16.76
C SER A 179 10.94 5.94 -15.29
N ILE A 180 11.91 6.62 -14.71
CA ILE A 180 11.77 6.96 -13.30
C ILE A 180 10.54 7.79 -12.98
N LEU A 181 9.92 8.40 -13.99
CA LEU A 181 8.73 9.23 -13.76
C LEU A 181 7.42 8.47 -13.95
N THR A 182 7.38 7.62 -14.98
CA THR A 182 6.19 6.85 -15.32
C THR A 182 6.23 5.35 -15.04
N GLY A 183 7.28 4.69 -15.54
CA GLY A 183 7.45 3.25 -15.39
C GLY A 183 7.75 2.64 -16.75
N GLU A 184 7.15 3.24 -17.79
CA GLU A 184 7.33 2.80 -19.19
C GLU A 184 8.77 2.92 -19.64
N SER A 185 9.31 1.85 -20.21
CA SER A 185 10.70 1.85 -20.67
C SER A 185 10.86 2.56 -22.01
N VAL A 186 9.82 2.49 -22.82
CA VAL A 186 9.84 3.09 -24.14
C VAL A 186 10.42 4.50 -24.11
N SER A 187 11.66 4.63 -24.57
CA SER A 187 12.33 5.92 -24.58
C SER A 187 11.56 6.92 -25.45
N VAL A 188 11.73 8.20 -25.15
CA VAL A 188 11.02 9.24 -25.89
C VAL A 188 11.96 10.08 -26.74
N ILE A 189 11.43 10.66 -27.81
CA ILE A 189 12.22 11.47 -28.72
C ILE A 189 12.05 12.97 -28.44
N LYS A 190 13.18 13.66 -28.30
CA LYS A 190 13.19 15.09 -28.03
C LYS A 190 13.48 15.92 -29.26
N HIS A 191 13.25 17.22 -29.14
CA HIS A 191 13.46 18.18 -30.21
C HIS A 191 13.80 19.51 -29.56
N THR A 192 14.20 20.50 -30.34
CA THR A 192 14.57 21.81 -29.81
C THR A 192 13.51 22.89 -30.01
N GLU A 193 12.48 22.56 -30.77
CA GLU A 193 11.39 23.48 -31.08
C GLU A 193 10.56 23.70 -29.81
N PRO A 194 10.16 24.96 -29.54
CA PRO A 194 9.35 25.32 -28.36
C PRO A 194 7.96 24.69 -28.31
N VAL A 195 7.45 24.54 -27.09
CA VAL A 195 6.14 23.98 -26.82
C VAL A 195 5.31 25.15 -26.31
N PRO A 196 4.41 25.69 -27.15
CA PRO A 196 3.51 26.83 -26.89
C PRO A 196 2.82 26.87 -25.53
N ASP A 197 1.99 25.88 -25.26
CA ASP A 197 1.26 25.76 -24.01
C ASP A 197 2.17 26.07 -22.80
N PRO A 198 1.82 27.09 -22.02
CA PRO A 198 2.69 27.39 -20.87
C PRO A 198 2.52 26.35 -19.77
N ARG A 199 1.31 25.80 -19.68
CA ARG A 199 0.99 24.81 -18.67
C ARG A 199 0.99 23.39 -19.22
N ALA A 200 1.90 23.11 -20.14
CA ALA A 200 2.02 21.78 -20.72
C ALA A 200 2.47 20.83 -19.60
N VAL A 201 2.11 19.56 -19.72
CA VAL A 201 2.47 18.58 -18.73
C VAL A 201 3.77 17.96 -19.19
N ASN A 202 4.61 17.51 -18.27
CA ASN A 202 5.90 16.92 -18.62
C ASN A 202 5.87 16.01 -19.85
N GLN A 203 4.79 15.26 -20.04
CA GLN A 203 4.69 14.37 -21.17
C GLN A 203 4.74 15.10 -22.52
N ASP A 204 4.34 16.36 -22.56
CA ASP A 204 4.37 17.11 -23.83
C ASP A 204 5.57 18.05 -23.95
N LYS A 205 6.38 18.11 -22.91
CA LYS A 205 7.54 18.97 -22.92
C LYS A 205 8.65 18.21 -23.65
N LYS A 206 8.44 18.03 -24.94
CA LYS A 206 9.39 17.30 -25.76
C LYS A 206 10.73 17.99 -26.01
N ASN A 207 10.97 19.13 -25.38
CA ASN A 207 12.24 19.80 -25.55
C ASN A 207 12.98 19.95 -24.24
N MET A 208 12.46 19.30 -23.19
CA MET A 208 13.10 19.36 -21.89
C MET A 208 13.69 18.01 -21.53
N LEU A 209 14.72 18.03 -20.71
CA LEU A 209 15.35 16.81 -20.22
C LEU A 209 15.15 16.92 -18.70
N PHE A 210 14.51 15.93 -18.10
CA PHE A 210 14.24 15.93 -16.68
C PHE A 210 15.33 15.32 -15.81
N SER A 211 15.69 16.06 -14.77
CA SER A 211 16.71 15.57 -13.85
C SER A 211 16.32 14.14 -13.46
N GLY A 212 17.30 13.26 -13.30
CA GLY A 212 17.04 11.89 -12.88
C GLY A 212 16.78 10.90 -13.98
N THR A 213 16.64 11.39 -15.21
CA THR A 213 16.41 10.54 -16.36
C THR A 213 17.74 10.08 -17.03
N ASN A 214 17.66 9.27 -18.09
CA ASN A 214 18.86 8.77 -18.78
C ASN A 214 18.81 8.96 -20.28
N ILE A 215 19.96 9.21 -20.89
CA ILE A 215 19.99 9.35 -22.34
C ILE A 215 20.08 7.91 -22.91
N ALA A 216 19.05 7.53 -23.64
CA ALA A 216 19.01 6.20 -24.22
C ALA A 216 19.93 6.22 -25.41
N ALA A 217 19.77 7.22 -26.25
CA ALA A 217 20.62 7.31 -27.43
C ALA A 217 20.83 8.72 -27.96
N GLY A 218 22.09 9.10 -28.10
CA GLY A 218 22.39 10.40 -28.68
C GLY A 218 23.35 11.25 -27.89
N LYS A 219 23.44 12.50 -28.35
CA LYS A 219 24.27 13.51 -27.74
C LYS A 219 23.55 14.84 -27.92
N ALA A 220 23.48 15.63 -26.86
CA ALA A 220 22.81 16.91 -26.98
C ALA A 220 23.42 17.93 -26.06
N LEU A 221 23.02 19.16 -26.31
CA LEU A 221 23.49 20.30 -25.57
C LEU A 221 22.29 21.10 -25.10
N GLY A 222 22.27 21.45 -23.83
CA GLY A 222 21.14 22.23 -23.36
C GLY A 222 21.54 23.27 -22.33
N ILE A 223 20.57 24.13 -22.03
CA ILE A 223 20.77 25.16 -21.02
C ILE A 223 19.94 24.71 -19.83
N VAL A 224 20.54 24.74 -18.64
CA VAL A 224 19.89 24.32 -17.40
C VAL A 224 18.81 25.28 -16.95
N ALA A 225 17.57 24.81 -16.85
CA ALA A 225 16.42 25.64 -16.48
C ALA A 225 16.13 25.83 -14.99
N THR A 226 16.20 24.74 -14.23
CA THR A 226 15.90 24.74 -12.81
C THR A 226 16.73 23.65 -12.20
N THR A 227 16.98 23.73 -10.90
CA THR A 227 17.77 22.71 -10.24
C THR A 227 17.28 22.52 -8.80
N GLY A 228 17.84 21.55 -8.09
CA GLY A 228 17.44 21.31 -6.71
C GLY A 228 15.97 20.98 -6.56
N VAL A 229 15.34 21.51 -5.53
CA VAL A 229 13.93 21.24 -5.34
C VAL A 229 13.07 22.01 -6.31
N SER A 230 13.64 22.53 -7.38
CA SER A 230 12.83 23.30 -8.34
C SER A 230 12.59 22.55 -9.62
N THR A 231 13.13 21.34 -9.67
CA THR A 231 12.98 20.46 -10.84
C THR A 231 11.68 19.65 -10.72
N GLU A 232 11.38 18.82 -11.69
CA GLU A 232 10.17 18.00 -11.58
C GLU A 232 10.29 17.02 -10.40
N ILE A 233 11.38 16.27 -10.30
CA ILE A 233 11.53 15.37 -9.17
C ILE A 233 11.51 16.15 -7.83
N GLY A 234 12.24 17.26 -7.77
CA GLY A 234 12.27 18.06 -6.56
C GLY A 234 10.89 18.58 -6.18
N LYS A 235 10.09 18.95 -7.17
CA LYS A 235 8.76 19.41 -6.89
C LYS A 235 7.96 18.22 -6.35
N ILE A 236 8.30 17.03 -6.79
CA ILE A 236 7.56 15.88 -6.26
C ILE A 236 8.07 15.60 -4.87
N ARG A 237 9.38 15.72 -4.70
CA ARG A 237 10.00 15.49 -3.41
C ARG A 237 9.41 16.40 -2.33
N ASP A 238 9.04 17.62 -2.70
CA ASP A 238 8.46 18.55 -1.72
C ASP A 238 7.06 18.15 -1.33
N GLN A 239 6.21 17.85 -2.32
CA GLN A 239 4.85 17.42 -2.01
C GLN A 239 4.95 16.33 -0.94
N MET A 240 5.80 15.33 -1.19
CA MET A 240 5.99 14.25 -0.25
C MET A 240 6.17 14.81 1.17
N ALA A 241 7.19 15.66 1.33
CA ALA A 241 7.51 16.24 2.62
C ALA A 241 6.36 16.99 3.29
N ALA A 242 5.42 17.51 2.46
CA ALA A 242 4.29 18.25 3.04
C ALA A 242 3.14 17.33 3.45
N THR A 243 3.16 16.09 2.94
CA THR A 243 2.14 15.09 3.24
C THR A 243 2.22 14.61 4.69
N GLU A 244 1.19 14.92 5.48
CA GLU A 244 1.15 14.49 6.88
C GLU A 244 0.71 13.03 6.92
N GLN A 245 1.26 12.24 7.84
CA GLN A 245 0.88 10.85 7.90
C GLN A 245 0.04 10.53 9.16
N ASP A 246 -1.23 10.22 8.93
CA ASP A 246 -2.14 9.91 10.02
C ASP A 246 -1.89 8.58 10.74
N LYS A 247 -2.33 8.50 11.99
CA LYS A 247 -2.19 7.27 12.78
C LYS A 247 -3.26 6.28 12.32
N THR A 248 -2.91 4.99 12.27
CA THR A 248 -3.85 3.97 11.83
C THR A 248 -5.10 3.94 12.70
N PRO A 249 -6.27 3.67 12.11
CA PRO A 249 -7.50 3.63 12.91
C PRO A 249 -7.31 2.83 14.20
N LEU A 250 -6.44 1.83 14.17
CA LEU A 250 -6.19 1.05 15.38
C LEU A 250 -5.41 1.88 16.40
N GLN A 251 -4.20 2.30 16.04
CA GLN A 251 -3.37 3.13 16.93
C GLN A 251 -4.25 4.21 17.57
N GLN A 252 -5.01 4.94 16.75
CA GLN A 252 -5.90 5.96 17.26
C GLN A 252 -6.79 5.40 18.37
N LYS A 253 -7.39 4.23 18.10
CA LYS A 253 -8.27 3.59 19.06
C LYS A 253 -7.54 3.21 20.34
N LEU A 254 -6.32 2.70 20.20
CA LEU A 254 -5.56 2.32 21.39
C LEU A 254 -5.14 3.59 22.14
N ASP A 255 -4.52 4.54 21.44
CA ASP A 255 -4.13 5.79 22.08
C ASP A 255 -5.25 6.39 22.90
N GLU A 256 -6.49 6.27 22.43
CA GLU A 256 -7.60 6.81 23.18
C GLU A 256 -7.99 5.91 24.35
N PHE A 257 -7.66 4.62 24.25
CA PHE A 257 -7.96 3.67 25.32
C PHE A 257 -7.09 3.94 26.53
N GLY A 258 -5.86 4.40 26.26
CA GLY A 258 -4.92 4.69 27.32
C GLY A 258 -5.38 5.90 28.10
N GLU A 259 -6.10 6.79 27.41
CA GLU A 259 -6.64 8.02 28.00
C GLU A 259 -7.78 7.59 28.91
N GLN A 260 -8.63 6.73 28.35
CA GLN A 260 -9.77 6.21 29.10
C GLN A 260 -9.23 5.43 30.31
N LEU A 261 -8.22 4.60 30.08
CA LEU A 261 -7.62 3.80 31.14
C LEU A 261 -6.85 4.67 32.13
N SER A 262 -6.10 5.64 31.60
CA SER A 262 -5.31 6.53 32.46
C SER A 262 -6.19 7.31 33.44
N LYS A 263 -7.44 7.57 33.04
CA LYS A 263 -8.34 8.31 33.92
C LYS A 263 -8.87 7.41 35.04
N VAL A 264 -9.36 6.23 34.67
CA VAL A 264 -9.86 5.28 35.65
C VAL A 264 -8.77 4.98 36.68
N ILE A 265 -7.63 4.48 36.21
CA ILE A 265 -6.52 4.16 37.11
C ILE A 265 -6.42 5.24 38.18
N SER A 266 -6.36 6.50 37.77
CA SER A 266 -6.27 7.60 38.71
C SER A 266 -7.53 7.68 39.60
N LEU A 267 -8.72 7.60 39.00
CA LEU A 267 -9.97 7.65 39.75
C LEU A 267 -10.04 6.63 40.86
N ILE A 268 -9.50 5.43 40.60
CA ILE A 268 -9.48 4.36 41.59
C ILE A 268 -8.51 4.63 42.73
N CYS A 269 -7.40 5.29 42.43
CA CYS A 269 -6.44 5.63 43.48
C CYS A 269 -7.06 6.68 44.40
N VAL A 270 -8.17 7.28 43.94
CA VAL A 270 -8.87 8.29 44.71
C VAL A 270 -10.03 7.66 45.49
N ALA A 271 -10.69 6.66 44.90
CA ALA A 271 -11.78 6.00 45.58
C ALA A 271 -11.21 5.16 46.70
N VAL A 272 -9.96 4.71 46.54
CA VAL A 272 -9.31 3.92 47.57
C VAL A 272 -9.12 4.82 48.77
N TRP A 273 -8.44 5.95 48.57
CA TRP A 273 -8.18 6.92 49.61
C TRP A 273 -9.49 7.29 50.33
N LEU A 274 -10.46 7.77 49.56
CA LEU A 274 -11.72 8.18 50.13
C LEU A 274 -12.32 7.09 51.02
N ILE A 275 -12.19 5.83 50.65
CA ILE A 275 -12.75 4.75 51.45
C ILE A 275 -12.05 4.61 52.81
N ASN A 276 -10.76 4.87 52.84
CA ASN A 276 -10.01 4.79 54.07
C ASN A 276 -9.94 6.13 54.78
N ILE A 277 -10.94 6.98 54.53
CA ILE A 277 -10.99 8.29 55.17
C ILE A 277 -11.30 8.13 56.65
N GLY A 278 -12.05 7.10 56.97
CA GLY A 278 -12.40 6.85 58.36
C GLY A 278 -11.18 6.89 59.25
N HIS A 279 -10.01 6.58 58.69
CA HIS A 279 -8.76 6.59 59.45
C HIS A 279 -8.52 7.96 60.04
N PHE A 280 -9.27 8.94 59.56
CA PHE A 280 -9.16 10.30 60.07
C PHE A 280 -9.67 10.30 61.50
N ASN A 281 -10.35 9.21 61.85
CA ASN A 281 -10.89 9.05 63.19
C ASN A 281 -10.13 8.00 63.97
N ASP A 282 -8.81 8.08 63.93
CA ASP A 282 -7.93 7.15 64.64
C ASP A 282 -7.03 7.95 65.58
N PRO A 283 -6.81 7.45 66.81
CA PRO A 283 -5.96 8.15 67.77
C PRO A 283 -4.57 8.51 67.23
N VAL A 284 -4.17 9.77 67.37
CA VAL A 284 -2.86 10.20 66.89
C VAL A 284 -1.78 9.40 67.61
N HIS A 285 -2.01 9.15 68.90
CA HIS A 285 -1.09 8.38 69.74
C HIS A 285 -1.37 6.89 69.54
N GLY A 286 -1.25 6.43 68.30
CA GLY A 286 -1.51 5.03 68.02
C GLY A 286 -1.43 4.74 66.53
N GLY A 287 -1.67 3.49 66.15
CA GLY A 287 -1.61 3.12 64.75
C GLY A 287 -0.26 3.47 64.16
N SER A 288 -0.25 4.25 63.08
CA SER A 288 0.99 4.66 62.46
C SER A 288 0.75 5.51 61.21
N TRP A 289 1.34 6.69 61.18
CA TRP A 289 1.21 7.60 60.05
C TRP A 289 2.10 7.13 58.90
N ILE A 290 2.84 6.04 59.15
CA ILE A 290 3.75 5.49 58.15
C ILE A 290 3.18 4.21 57.52
N ARG A 291 2.64 3.31 58.34
CA ARG A 291 2.06 2.09 57.81
C ARG A 291 0.88 2.41 56.90
N GLY A 292 0.32 3.60 57.09
CA GLY A 292 -0.80 4.04 56.27
C GLY A 292 -0.33 4.58 54.93
N ALA A 293 0.65 5.48 54.95
CA ALA A 293 1.21 6.07 53.73
C ALA A 293 1.85 5.00 52.85
N ILE A 294 2.59 4.08 53.47
CA ILE A 294 3.23 3.01 52.74
C ILE A 294 2.19 2.03 52.19
N TYR A 295 1.05 1.91 52.89
CA TYR A 295 -0.01 1.02 52.45
C TYR A 295 -0.74 1.64 51.26
N TYR A 296 -1.17 2.89 51.41
CA TYR A 296 -1.89 3.58 50.33
C TYR A 296 -0.98 3.65 49.11
N PHE A 297 0.32 3.78 49.34
CA PHE A 297 1.27 3.84 48.24
C PHE A 297 1.52 2.47 47.63
N LYS A 298 1.48 1.43 48.45
CA LYS A 298 1.70 0.09 47.93
C LYS A 298 0.53 -0.32 47.01
N ILE A 299 -0.69 -0.31 47.53
CA ILE A 299 -1.82 -0.72 46.70
C ILE A 299 -2.06 0.20 45.51
N ALA A 300 -1.35 1.32 45.45
CA ALA A 300 -1.53 2.24 44.33
C ALA A 300 -0.71 1.70 43.16
N VAL A 301 0.54 1.35 43.47
CA VAL A 301 1.47 0.78 42.50
C VAL A 301 0.93 -0.53 41.96
N ALA A 302 0.46 -1.39 42.85
CA ALA A 302 -0.10 -2.66 42.43
C ALA A 302 -1.29 -2.34 41.53
N LEU A 303 -2.07 -1.35 41.98
CA LEU A 303 -3.26 -0.88 41.28
C LEU A 303 -2.97 -0.48 39.81
N ALA A 304 -1.87 0.24 39.59
CA ALA A 304 -1.53 0.66 38.25
C ALA A 304 -1.05 -0.55 37.46
N VAL A 305 -0.18 -1.34 38.08
CA VAL A 305 0.37 -2.51 37.42
C VAL A 305 -0.69 -3.50 36.95
N ALA A 306 -1.77 -3.61 37.73
CA ALA A 306 -2.86 -4.53 37.41
C ALA A 306 -3.80 -4.01 36.33
N ALA A 307 -3.91 -2.70 36.22
CA ALA A 307 -4.81 -2.05 35.26
C ALA A 307 -4.27 -1.97 33.84
N ILE A 308 -2.95 -1.97 33.75
CA ILE A 308 -2.24 -1.87 32.48
C ILE A 308 -1.87 -3.23 31.94
N PRO A 309 -2.20 -3.49 30.66
CA PRO A 309 -1.85 -4.78 30.07
C PRO A 309 -0.42 -4.70 29.52
N GLU A 310 0.57 -4.86 30.39
CA GLU A 310 1.99 -4.81 30.01
C GLU A 310 2.45 -5.67 28.84
N GLY A 311 1.70 -6.72 28.53
CA GLY A 311 2.12 -7.59 27.45
C GLY A 311 1.54 -7.25 26.09
N LEU A 312 0.57 -6.34 26.08
CA LEU A 312 -0.11 -5.96 24.84
C LEU A 312 0.85 -5.56 23.72
N PRO A 313 1.71 -4.56 23.96
CA PRO A 313 2.66 -4.12 22.94
C PRO A 313 3.46 -5.24 22.30
N ALA A 314 3.98 -6.14 23.10
CA ALA A 314 4.75 -7.26 22.53
C ALA A 314 3.83 -8.20 21.75
N VAL A 315 2.60 -8.36 22.22
CA VAL A 315 1.65 -9.24 21.56
C VAL A 315 1.23 -8.69 20.18
N ILE A 316 0.82 -7.43 20.16
CA ILE A 316 0.42 -6.81 18.91
C ILE A 316 1.59 -6.86 17.92
N THR A 317 2.78 -6.44 18.34
CA THR A 317 3.95 -6.46 17.46
C THR A 317 4.31 -7.83 16.91
N THR A 318 4.08 -8.88 17.69
CA THR A 318 4.38 -10.23 17.22
C THR A 318 3.32 -10.70 16.21
N CYS A 319 2.06 -10.41 16.53
CA CYS A 319 0.95 -10.77 15.67
C CYS A 319 1.08 -10.17 14.27
N LEU A 320 1.45 -8.89 14.25
CA LEU A 320 1.62 -8.16 13.01
C LEU A 320 2.83 -8.70 12.25
N ALA A 321 3.87 -9.12 12.96
CA ALA A 321 5.06 -9.67 12.30
C ALA A 321 4.64 -10.96 11.65
N LEU A 322 3.98 -11.80 12.42
CA LEU A 322 3.50 -13.07 11.90
C LEU A 322 2.55 -12.77 10.75
N GLY A 323 1.67 -11.79 10.94
CA GLY A 323 0.71 -11.42 9.93
C GLY A 323 1.33 -10.98 8.62
N THR A 324 2.50 -10.37 8.68
CA THR A 324 3.20 -9.92 7.48
C THR A 324 3.63 -11.10 6.64
N ARG A 325 4.37 -12.03 7.25
CA ARG A 325 4.84 -13.21 6.53
C ARG A 325 3.70 -13.97 5.89
N ARG A 326 2.53 -13.88 6.49
CA ARG A 326 1.37 -14.58 5.96
C ARG A 326 0.84 -13.95 4.68
N MET A 327 1.03 -12.64 4.55
CA MET A 327 0.55 -11.94 3.37
C MET A 327 1.50 -12.25 2.23
N ALA A 328 2.78 -12.27 2.58
CA ALA A 328 3.84 -12.55 1.63
C ALA A 328 3.60 -13.85 0.88
N LYS A 329 3.01 -14.84 1.55
CA LYS A 329 2.74 -16.11 0.92
C LYS A 329 1.70 -15.91 -0.17
N LYS A 330 0.92 -14.83 -0.05
CA LYS A 330 -0.11 -14.50 -1.03
C LYS A 330 0.28 -13.34 -1.95
N ASN A 331 1.59 -13.09 -2.03
CA ASN A 331 2.20 -12.05 -2.88
C ASN A 331 1.77 -10.63 -2.57
N ALA A 332 1.77 -10.30 -1.29
CA ALA A 332 1.43 -8.97 -0.83
C ALA A 332 2.53 -8.65 0.16
N ILE A 333 3.48 -7.84 -0.27
CA ILE A 333 4.61 -7.45 0.57
C ILE A 333 4.19 -6.19 1.30
N VAL A 334 3.96 -6.30 2.60
CA VAL A 334 3.55 -5.15 3.40
C VAL A 334 4.82 -4.60 4.07
N ARG A 335 5.11 -3.34 3.82
CA ARG A 335 6.32 -2.73 4.33
C ARG A 335 6.16 -2.26 5.77
N SER A 336 5.03 -1.61 6.04
CA SER A 336 4.74 -1.09 7.37
C SER A 336 3.93 -2.09 8.21
N LEU A 337 4.43 -2.46 9.39
CA LEU A 337 3.70 -3.41 10.23
C LEU A 337 2.27 -2.94 10.47
N PRO A 338 2.09 -1.74 11.05
CA PRO A 338 0.76 -1.19 11.34
C PRO A 338 -0.21 -1.32 10.17
N SER A 339 0.35 -1.44 8.97
CA SER A 339 -0.46 -1.55 7.76
C SER A 339 -1.19 -2.87 7.66
N VAL A 340 -0.63 -3.94 8.24
CA VAL A 340 -1.30 -5.24 8.16
C VAL A 340 -2.65 -5.12 8.84
N GLU A 341 -2.76 -4.11 9.69
CA GLU A 341 -3.99 -3.85 10.41
C GLU A 341 -4.92 -3.02 9.56
N THR A 342 -4.54 -1.78 9.32
CA THR A 342 -5.34 -0.83 8.54
C THR A 342 -5.73 -1.32 7.16
N LEU A 343 -5.08 -2.37 6.69
CA LEU A 343 -5.37 -2.95 5.38
C LEU A 343 -6.82 -3.45 5.39
N GLY A 344 -7.21 -4.14 6.46
CA GLY A 344 -8.55 -4.66 6.59
C GLY A 344 -9.64 -3.59 6.60
N CYS A 345 -9.33 -2.37 7.03
CA CYS A 345 -10.36 -1.33 7.04
C CYS A 345 -10.55 -0.73 5.63
N THR A 346 -9.75 -1.19 4.67
CA THR A 346 -9.81 -0.74 3.29
C THR A 346 -11.26 -0.58 2.87
N SER A 347 -11.67 0.60 2.43
CA SER A 347 -13.05 0.80 2.03
C SER A 347 -13.16 1.16 0.56
N VAL A 348 -12.04 1.61 0.00
CA VAL A 348 -11.97 2.00 -1.41
C VAL A 348 -10.68 1.54 -2.06
N ILE A 349 -10.80 0.97 -3.26
CA ILE A 349 -9.63 0.53 -4.02
C ILE A 349 -9.64 1.11 -5.45
N CYS A 350 -8.72 2.04 -5.71
CA CYS A 350 -8.56 2.65 -7.02
C CYS A 350 -7.43 1.88 -7.65
N SER A 351 -7.69 1.19 -8.74
CA SER A 351 -6.65 0.40 -9.39
C SER A 351 -6.40 0.80 -10.83
N ASP A 352 -5.12 0.85 -11.22
CA ASP A 352 -4.78 1.16 -12.60
C ASP A 352 -5.27 -0.05 -13.41
N LYS A 353 -5.61 0.16 -14.67
CA LYS A 353 -6.08 -0.97 -15.45
C LYS A 353 -4.89 -1.79 -15.97
N THR A 354 -4.24 -1.28 -17.03
CA THR A 354 -3.12 -2.01 -17.64
C THR A 354 -2.15 -2.71 -16.69
N GLY A 355 -2.11 -4.03 -16.79
CA GLY A 355 -1.20 -4.78 -15.96
C GLY A 355 -1.70 -5.18 -14.59
N THR A 356 -2.64 -4.43 -14.01
CA THR A 356 -3.17 -4.81 -12.71
C THR A 356 -4.49 -5.54 -12.97
N LEU A 357 -5.51 -4.79 -13.46
CA LEU A 357 -6.81 -5.36 -13.80
C LEU A 357 -6.69 -6.18 -15.11
N THR A 358 -5.64 -5.93 -15.90
CA THR A 358 -5.44 -6.67 -17.15
C THR A 358 -4.05 -7.26 -17.21
N THR A 359 -3.85 -8.19 -18.14
CA THR A 359 -2.55 -8.86 -18.30
C THR A 359 -1.52 -8.00 -19.03
N ASN A 360 -1.99 -7.01 -19.79
CA ASN A 360 -1.08 -6.14 -20.51
C ASN A 360 -0.39 -6.95 -21.59
N GLN A 361 -1.12 -7.92 -22.13
CA GLN A 361 -0.63 -8.75 -23.21
C GLN A 361 -1.55 -8.41 -24.39
N MET A 362 -1.15 -7.38 -25.14
CA MET A 362 -1.91 -6.92 -26.28
C MET A 362 -2.06 -8.00 -27.34
N SER A 363 -3.22 -8.02 -27.98
CA SER A 363 -3.49 -9.01 -29.01
C SER A 363 -4.53 -8.53 -30.03
N VAL A 364 -4.22 -8.64 -31.31
CA VAL A 364 -5.17 -8.25 -32.34
C VAL A 364 -6.18 -9.36 -32.64
N CYS A 365 -7.47 -9.05 -32.48
CA CYS A 365 -8.48 -10.06 -32.73
C CYS A 365 -9.63 -9.65 -33.68
N LYS A 366 -9.50 -8.47 -34.28
CA LYS A 366 -10.49 -7.98 -35.22
C LYS A 366 -9.93 -6.90 -36.12
N MET A 367 -10.34 -6.92 -37.38
CA MET A 367 -9.89 -5.94 -38.36
C MET A 367 -10.89 -5.84 -39.52
N PHE A 368 -10.85 -4.76 -40.26
CA PHE A 368 -11.76 -4.62 -41.37
C PHE A 368 -11.18 -3.67 -42.42
N ILE A 369 -11.56 -3.87 -43.67
CA ILE A 369 -11.10 -3.00 -44.75
C ILE A 369 -12.36 -2.70 -45.54
N ILE A 370 -12.26 -1.81 -46.52
CA ILE A 370 -13.41 -1.52 -47.33
C ILE A 370 -13.51 -2.62 -48.39
N ASP A 371 -14.72 -3.18 -48.47
CA ASP A 371 -15.08 -4.25 -49.37
C ASP A 371 -15.41 -3.59 -50.70
N LYS A 372 -16.30 -2.60 -50.64
CA LYS A 372 -16.69 -1.85 -51.82
C LYS A 372 -17.60 -0.66 -51.49
N VAL A 373 -17.54 0.34 -52.36
CA VAL A 373 -18.31 1.58 -52.24
C VAL A 373 -18.91 1.77 -53.62
N ASP A 374 -20.16 2.21 -53.67
CA ASP A 374 -20.83 2.42 -54.94
C ASP A 374 -22.12 3.15 -54.63
N GLY A 375 -22.23 4.40 -55.06
CA GLY A 375 -23.44 5.13 -54.73
C GLY A 375 -23.50 5.20 -53.20
N ASP A 376 -24.70 5.08 -52.64
CA ASP A 376 -24.83 5.12 -51.20
C ASP A 376 -24.60 3.74 -50.60
N PHE A 377 -24.45 2.74 -51.46
CA PHE A 377 -24.22 1.37 -51.00
C PHE A 377 -22.76 1.21 -50.62
N CYS A 378 -22.54 0.59 -49.48
CA CYS A 378 -21.20 0.40 -48.94
C CYS A 378 -21.12 -0.92 -48.18
N SER A 379 -19.93 -1.52 -48.18
CA SER A 379 -19.71 -2.78 -47.51
C SER A 379 -18.28 -2.89 -47.03
N LEU A 380 -18.11 -3.43 -45.83
CA LEU A 380 -16.78 -3.61 -45.23
C LEU A 380 -16.38 -5.07 -45.27
N ASN A 381 -15.15 -5.35 -44.86
CA ASN A 381 -14.70 -6.72 -44.81
C ASN A 381 -14.11 -6.98 -43.42
N GLU A 382 -14.96 -7.40 -42.47
CA GLU A 382 -14.53 -7.65 -41.08
C GLU A 382 -13.88 -9.02 -40.99
N PHE A 383 -12.96 -9.17 -40.03
CA PHE A 383 -12.24 -10.43 -39.81
C PHE A 383 -12.14 -10.78 -38.32
N SER A 384 -11.43 -11.86 -38.03
CA SER A 384 -11.22 -12.31 -36.67
C SER A 384 -9.91 -13.03 -36.65
N ILE A 385 -9.19 -12.91 -35.55
CA ILE A 385 -7.90 -13.55 -35.47
C ILE A 385 -7.90 -14.38 -34.21
N THR A 386 -7.11 -15.45 -34.19
CA THR A 386 -7.07 -16.35 -33.06
C THR A 386 -5.66 -16.39 -32.50
N GLY A 387 -5.57 -16.63 -31.19
CA GLY A 387 -4.27 -16.65 -30.53
C GLY A 387 -4.14 -15.34 -29.80
N SER A 388 -4.01 -15.40 -28.48
CA SER A 388 -3.89 -14.20 -27.68
C SER A 388 -2.47 -13.95 -27.23
N THR A 389 -1.62 -14.95 -27.43
CA THR A 389 -0.21 -14.89 -27.09
C THR A 389 0.58 -14.16 -28.21
N TYR A 390 1.76 -13.64 -27.89
CA TYR A 390 2.57 -12.95 -28.90
C TYR A 390 3.12 -13.96 -29.91
N ALA A 391 2.81 -15.24 -29.72
CA ALA A 391 3.28 -16.30 -30.61
C ALA A 391 2.67 -16.12 -31.99
N PRO A 392 3.45 -16.37 -33.06
CA PRO A 392 2.93 -16.23 -34.42
C PRO A 392 2.05 -17.40 -34.79
N GLU A 393 1.44 -18.03 -33.78
CA GLU A 393 0.58 -19.19 -33.99
C GLU A 393 -0.89 -18.78 -33.94
N GLY A 394 -1.61 -18.99 -35.03
CA GLY A 394 -3.01 -18.64 -35.05
C GLY A 394 -3.53 -18.56 -36.47
N GLU A 395 -4.70 -17.99 -36.65
CA GLU A 395 -5.24 -17.91 -38.00
C GLU A 395 -6.23 -16.76 -38.18
N VAL A 396 -6.44 -16.38 -39.43
CA VAL A 396 -7.38 -15.32 -39.72
C VAL A 396 -8.60 -16.03 -40.30
N LEU A 397 -9.77 -15.44 -40.10
CA LEU A 397 -11.01 -16.01 -40.59
C LEU A 397 -12.13 -14.99 -40.72
N LYS A 398 -13.02 -15.22 -41.65
CA LYS A 398 -14.15 -14.33 -41.89
C LYS A 398 -15.40 -15.17 -41.71
N ASN A 399 -16.36 -14.65 -40.95
CA ASN A 399 -17.60 -15.37 -40.68
C ASN A 399 -17.24 -16.73 -40.09
N ASP A 400 -16.40 -16.70 -39.07
CA ASP A 400 -15.94 -17.88 -38.35
C ASP A 400 -15.29 -18.92 -39.24
N LYS A 401 -15.37 -18.71 -40.55
CA LYS A 401 -14.77 -19.64 -41.48
C LYS A 401 -13.42 -19.07 -41.91
N PRO A 402 -12.35 -19.87 -41.84
CA PRO A 402 -10.99 -19.48 -42.20
C PRO A 402 -10.83 -19.07 -43.66
N ILE A 403 -10.08 -18.00 -43.88
CA ILE A 403 -9.80 -17.50 -45.21
C ILE A 403 -8.31 -17.21 -45.31
N ARG A 404 -7.84 -16.94 -46.52
CA ARG A 404 -6.43 -16.62 -46.72
C ARG A 404 -6.35 -15.13 -46.97
N SER A 405 -5.66 -14.43 -46.07
CA SER A 405 -5.51 -12.99 -46.15
C SER A 405 -5.00 -12.54 -47.51
N GLY A 406 -3.99 -13.24 -48.03
CA GLY A 406 -3.43 -12.90 -49.33
C GLY A 406 -4.47 -12.56 -50.39
N GLN A 407 -5.51 -13.39 -50.49
CA GLN A 407 -6.57 -13.18 -51.46
C GLN A 407 -7.35 -11.85 -51.35
N PHE A 408 -6.86 -10.95 -50.50
CA PHE A 408 -7.48 -9.63 -50.34
C PHE A 408 -6.36 -8.58 -50.48
N ASP A 409 -6.54 -7.64 -51.40
CA ASP A 409 -5.50 -6.63 -51.57
C ASP A 409 -5.41 -5.71 -50.37
N GLY A 410 -6.54 -5.13 -49.98
CA GLY A 410 -6.54 -4.26 -48.82
C GLY A 410 -5.88 -4.90 -47.61
N LEU A 411 -5.81 -6.23 -47.59
CA LEU A 411 -5.19 -6.91 -46.45
C LEU A 411 -3.70 -6.95 -46.61
N VAL A 412 -3.24 -6.79 -47.85
CA VAL A 412 -1.80 -6.82 -48.09
C VAL A 412 -1.26 -5.49 -47.59
N GLU A 413 -1.91 -4.41 -48.03
CA GLU A 413 -1.51 -3.09 -47.61
C GLU A 413 -1.58 -3.06 -46.08
N LEU A 414 -2.77 -3.30 -45.54
CA LEU A 414 -2.99 -3.32 -44.09
C LEU A 414 -1.80 -3.96 -43.41
N ALA A 415 -1.35 -5.07 -43.97
CA ALA A 415 -0.22 -5.82 -43.42
C ALA A 415 1.13 -5.06 -43.56
N THR A 416 1.33 -4.47 -44.72
CA THR A 416 2.54 -3.72 -45.02
C THR A 416 2.72 -2.60 -43.98
N ILE A 417 1.69 -1.77 -43.84
CA ILE A 417 1.71 -0.69 -42.85
C ILE A 417 2.10 -1.27 -41.48
N CYS A 418 1.22 -2.07 -40.88
CA CYS A 418 1.49 -2.67 -39.58
C CYS A 418 2.91 -3.12 -39.36
N ALA A 419 3.56 -3.61 -40.41
CA ALA A 419 4.95 -4.06 -40.27
C ALA A 419 5.96 -2.93 -40.50
N LEU A 420 5.65 -2.00 -41.41
CA LEU A 420 6.54 -0.88 -41.68
C LEU A 420 6.39 0.26 -40.69
N CYS A 421 5.14 0.63 -40.40
CA CYS A 421 4.89 1.70 -39.47
C CYS A 421 4.94 1.07 -38.07
N ASN A 422 6.01 0.35 -37.80
CA ASN A 422 6.20 -0.35 -36.51
C ASN A 422 7.53 0.09 -35.92
N ASP A 423 7.91 -0.49 -34.79
CA ASP A 423 9.15 -0.12 -34.10
C ASP A 423 9.53 -1.25 -33.17
N SER A 424 8.78 -2.33 -33.23
CA SER A 424 9.01 -3.46 -32.36
C SER A 424 9.22 -4.72 -33.15
N SER A 425 9.36 -5.84 -32.45
CA SER A 425 9.57 -7.13 -33.11
C SER A 425 9.46 -8.29 -32.13
N LEU A 426 9.28 -9.48 -32.67
CA LEU A 426 9.19 -10.68 -31.84
C LEU A 426 10.55 -11.29 -31.58
N ASP A 427 10.60 -12.13 -30.56
CA ASP A 427 11.84 -12.80 -30.18
C ASP A 427 11.49 -14.05 -29.38
N PHE A 428 11.88 -15.21 -29.90
CA PHE A 428 11.61 -16.47 -29.21
C PHE A 428 12.64 -16.65 -28.10
N ASN A 429 12.17 -16.99 -26.91
CA ASN A 429 13.07 -17.18 -25.77
C ASN A 429 13.52 -18.64 -25.69
N GLU A 430 14.78 -18.84 -25.31
CA GLU A 430 15.34 -20.18 -25.21
C GLU A 430 14.83 -20.87 -23.96
N THR A 431 15.26 -20.37 -22.80
CA THR A 431 14.86 -20.93 -21.52
C THR A 431 13.35 -20.99 -21.39
N LYS A 432 12.68 -19.84 -21.41
CA LYS A 432 11.22 -19.80 -21.30
C LYS A 432 10.53 -20.65 -22.35
N GLY A 433 11.05 -20.63 -23.57
CA GLY A 433 10.44 -21.40 -24.64
C GLY A 433 9.19 -20.72 -25.18
N VAL A 434 9.15 -19.40 -25.06
CA VAL A 434 8.00 -18.62 -25.53
C VAL A 434 8.48 -17.36 -26.23
N TYR A 435 7.63 -16.80 -27.08
CA TYR A 435 7.98 -15.57 -27.78
C TYR A 435 7.80 -14.37 -26.86
N GLU A 436 8.84 -13.57 -26.74
CA GLU A 436 8.77 -12.38 -25.89
C GLU A 436 8.69 -11.13 -26.76
N LYS A 437 7.89 -10.17 -26.31
CA LYS A 437 7.72 -8.93 -27.06
C LYS A 437 8.97 -8.08 -26.89
N VAL A 438 9.37 -7.43 -27.98
CA VAL A 438 10.54 -6.57 -27.95
C VAL A 438 10.09 -5.16 -28.28
N GLY A 439 9.69 -4.42 -27.25
CA GLY A 439 9.23 -3.05 -27.46
C GLY A 439 7.82 -2.83 -26.97
N GLU A 440 7.16 -1.83 -27.54
CA GLU A 440 5.78 -1.48 -27.20
C GLU A 440 4.87 -2.71 -27.37
N ALA A 441 3.93 -2.91 -26.44
CA ALA A 441 3.01 -4.05 -26.50
C ALA A 441 1.97 -3.85 -27.60
N THR A 442 1.62 -2.60 -27.86
CA THR A 442 0.64 -2.30 -28.89
C THR A 442 1.23 -2.58 -30.25
N GLU A 443 2.53 -2.38 -30.37
CA GLU A 443 3.16 -2.64 -31.65
C GLU A 443 3.41 -4.12 -31.82
N THR A 444 4.08 -4.74 -30.85
CA THR A 444 4.38 -6.15 -30.97
C THR A 444 3.14 -6.91 -31.45
N ALA A 445 2.00 -6.63 -30.85
CA ALA A 445 0.77 -7.30 -31.26
C ALA A 445 0.64 -7.23 -32.76
N LEU A 446 0.95 -6.05 -33.31
CA LEU A 446 0.88 -5.75 -34.73
C LEU A 446 1.88 -6.60 -35.50
N THR A 447 3.07 -6.73 -34.94
CA THR A 447 4.10 -7.54 -35.55
C THR A 447 3.58 -8.97 -35.59
N THR A 448 3.04 -9.42 -34.46
CA THR A 448 2.48 -10.77 -34.35
C THR A 448 1.33 -10.98 -35.35
N LEU A 449 0.65 -9.89 -35.70
CA LEU A 449 -0.45 -10.00 -36.62
C LEU A 449 0.02 -10.36 -38.02
N VAL A 450 0.97 -9.61 -38.55
CA VAL A 450 1.46 -9.89 -39.90
C VAL A 450 2.01 -11.30 -40.02
N GLU A 451 2.56 -11.86 -38.95
CA GLU A 451 3.07 -13.22 -39.01
C GLU A 451 1.92 -14.23 -39.15
N LYS A 452 0.76 -13.90 -38.60
CA LYS A 452 -0.40 -14.77 -38.70
C LYS A 452 -1.09 -14.56 -40.04
N MET A 453 -1.17 -13.31 -40.49
CA MET A 453 -1.81 -12.97 -41.76
C MET A 453 -1.02 -13.51 -42.95
N ASN A 454 0.28 -13.20 -42.98
CA ASN A 454 1.12 -13.66 -44.07
C ASN A 454 0.43 -13.40 -45.41
N VAL A 455 0.34 -12.13 -45.79
CA VAL A 455 -0.32 -11.77 -47.04
C VAL A 455 0.41 -12.24 -48.30
N PHE A 456 1.66 -12.69 -48.17
CA PHE A 456 2.41 -13.14 -49.33
C PHE A 456 2.69 -14.65 -49.36
N ASN A 457 1.86 -15.42 -48.68
CA ASN A 457 1.97 -16.87 -48.64
C ASN A 457 3.40 -17.39 -48.46
N THR A 458 4.27 -16.55 -47.90
CA THR A 458 5.66 -16.90 -47.64
C THR A 458 5.76 -18.23 -46.92
N GLU A 459 6.47 -19.20 -47.51
CA GLU A 459 6.65 -20.52 -46.87
C GLU A 459 7.43 -20.36 -45.56
N VAL A 460 6.73 -20.52 -44.45
CA VAL A 460 7.36 -20.36 -43.15
C VAL A 460 7.31 -21.61 -42.28
N ARG A 461 6.45 -22.57 -42.63
CA ARG A 461 6.33 -23.80 -41.87
C ARG A 461 7.65 -24.57 -41.84
N ASN A 462 8.55 -24.20 -42.74
CA ASN A 462 9.87 -24.81 -42.83
C ASN A 462 10.67 -24.26 -41.64
N LEU A 463 10.89 -22.96 -41.69
CA LEU A 463 11.63 -22.23 -40.68
C LEU A 463 11.36 -22.74 -39.27
N SER A 464 12.36 -22.60 -38.41
CA SER A 464 12.25 -23.03 -37.03
C SER A 464 11.54 -21.94 -36.23
N LYS A 465 11.37 -22.19 -34.93
CA LYS A 465 10.71 -21.24 -34.02
C LYS A 465 11.28 -19.82 -34.17
N VAL A 466 12.54 -19.65 -33.81
CA VAL A 466 13.20 -18.34 -33.88
C VAL A 466 13.17 -17.73 -35.29
N GLU A 467 13.26 -18.58 -36.31
CA GLU A 467 13.26 -18.11 -37.69
C GLU A 467 11.96 -17.50 -38.18
N ARG A 468 10.84 -18.15 -37.90
CA ARG A 468 9.55 -17.66 -38.37
C ARG A 468 9.00 -16.51 -37.53
N ALA A 469 9.66 -16.24 -36.41
CA ALA A 469 9.25 -15.17 -35.52
C ALA A 469 8.98 -13.89 -36.31
N ASN A 470 10.03 -13.39 -36.95
CA ASN A 470 9.93 -12.16 -37.73
C ASN A 470 9.92 -12.43 -39.22
N ALA A 471 9.69 -13.70 -39.55
CA ALA A 471 9.62 -14.16 -40.93
C ALA A 471 8.79 -13.26 -41.84
N CYS A 472 7.47 -13.31 -41.69
CA CYS A 472 6.56 -12.52 -42.53
C CYS A 472 6.76 -11.02 -42.48
N ASN A 473 7.44 -10.56 -41.43
CA ASN A 473 7.73 -9.15 -41.27
C ASN A 473 8.92 -8.79 -42.14
N SER A 474 10.02 -9.50 -41.91
CA SER A 474 11.25 -9.28 -42.64
C SER A 474 10.97 -9.21 -44.14
N VAL A 475 10.00 -10.02 -44.58
CA VAL A 475 9.59 -10.06 -45.98
C VAL A 475 8.99 -8.72 -46.40
N ILE A 476 8.04 -8.22 -45.62
CA ILE A 476 7.45 -6.94 -45.98
C ILE A 476 8.49 -5.83 -45.90
N ARG A 477 9.45 -5.94 -44.97
CA ARG A 477 10.47 -4.91 -44.84
C ARG A 477 11.32 -4.82 -46.10
N GLN A 478 11.15 -5.75 -47.02
CA GLN A 478 11.92 -5.74 -48.27
C GLN A 478 11.25 -4.85 -49.31
N LEU A 479 9.97 -5.10 -49.56
CA LEU A 479 9.22 -4.33 -50.54
C LEU A 479 9.38 -2.81 -50.45
N MET A 480 9.84 -2.32 -49.29
CA MET A 480 9.99 -0.89 -49.07
C MET A 480 11.21 -0.56 -48.21
N LYS A 481 11.71 0.66 -48.35
CA LYS A 481 12.85 1.15 -47.58
C LYS A 481 12.32 2.20 -46.61
N LYS A 482 12.53 2.00 -45.31
CA LYS A 482 12.05 2.95 -44.32
C LYS A 482 12.99 4.15 -44.21
N GLU A 483 12.74 5.20 -44.99
CA GLU A 483 13.61 6.37 -44.95
C GLU A 483 13.73 6.87 -43.52
N PHE A 484 12.66 7.46 -43.01
CA PHE A 484 12.61 8.00 -41.63
C PHE A 484 11.21 7.80 -41.08
N THR A 485 11.03 8.03 -39.78
CA THR A 485 9.71 7.92 -39.14
C THR A 485 9.44 9.11 -38.22
N LEU A 486 8.28 9.73 -38.38
CA LEU A 486 7.84 10.85 -37.53
C LEU A 486 7.17 10.26 -36.26
N GLU A 487 7.84 10.31 -35.12
CA GLU A 487 7.31 9.76 -33.87
C GLU A 487 5.88 10.14 -33.56
N PHE A 488 5.26 9.30 -32.74
CA PHE A 488 3.89 9.49 -32.32
C PHE A 488 3.86 10.59 -31.28
N SER A 489 2.80 11.38 -31.28
CA SER A 489 2.64 12.44 -30.30
C SER A 489 1.16 12.56 -30.00
N ARG A 490 0.83 12.71 -28.71
CA ARG A 490 -0.54 12.84 -28.24
C ARG A 490 -1.21 14.00 -28.97
N ASP A 491 -0.35 14.88 -29.47
CA ASP A 491 -0.77 16.05 -30.19
C ASP A 491 -1.75 15.71 -31.33
N ARG A 492 -1.35 14.75 -32.17
CA ARG A 492 -2.13 14.30 -33.32
C ARG A 492 -2.53 12.83 -33.19
N LYS A 493 -2.05 12.21 -32.12
CA LYS A 493 -2.31 10.80 -31.82
C LYS A 493 -2.25 9.90 -33.03
N SER A 494 -1.09 9.90 -33.67
CA SER A 494 -0.84 9.10 -34.84
C SER A 494 0.65 9.14 -35.09
N MET A 495 1.11 8.35 -36.06
CA MET A 495 2.52 8.33 -36.40
C MET A 495 2.61 7.83 -37.81
N SER A 496 3.80 7.93 -38.40
CA SER A 496 3.98 7.48 -39.78
C SER A 496 5.43 7.20 -40.07
N VAL A 497 5.66 6.56 -41.22
CA VAL A 497 7.01 6.26 -41.70
C VAL A 497 7.02 6.56 -43.18
N TYR A 498 8.08 7.26 -43.62
CA TYR A 498 8.25 7.62 -45.02
C TYR A 498 9.05 6.50 -45.64
N CYS A 499 8.52 5.95 -46.74
CA CYS A 499 9.16 4.83 -47.42
C CYS A 499 9.29 5.04 -48.93
N SER A 500 10.19 4.27 -49.53
CA SER A 500 10.42 4.32 -50.97
C SER A 500 10.63 2.87 -51.37
N PRO A 501 10.19 2.47 -52.57
CA PRO A 501 10.36 1.08 -53.02
C PRO A 501 11.82 0.64 -53.03
N ALA A 502 12.07 -0.62 -52.71
CA ALA A 502 13.42 -1.17 -52.66
C ALA A 502 14.06 -1.26 -54.05
N LYS A 503 13.35 -1.91 -54.98
CA LYS A 503 13.86 -2.03 -56.35
C LYS A 503 13.51 -0.78 -57.15
N SER A 504 14.43 0.18 -57.15
CA SER A 504 14.26 1.44 -57.87
C SER A 504 15.54 2.26 -57.85
N SER A 505 16.12 2.49 -59.02
CA SER A 505 17.35 3.27 -59.14
C SER A 505 16.99 4.76 -59.08
N ARG A 506 16.88 5.40 -60.24
CA ARG A 506 16.53 6.81 -60.31
C ARG A 506 15.04 7.05 -60.59
N ALA A 507 14.21 6.65 -59.63
CA ALA A 507 12.76 6.82 -59.72
C ALA A 507 12.35 7.92 -58.73
N ALA A 508 11.96 9.08 -59.27
CA ALA A 508 11.56 10.24 -58.48
C ALA A 508 10.07 10.24 -58.09
N VAL A 509 9.38 9.13 -58.38
CA VAL A 509 7.97 8.99 -58.05
C VAL A 509 7.72 7.57 -57.55
N GLY A 510 6.93 7.45 -56.49
CA GLY A 510 6.63 6.13 -55.94
C GLY A 510 6.64 6.06 -54.43
N ASN A 511 7.20 7.06 -53.77
CA ASN A 511 7.27 7.07 -52.30
C ASN A 511 5.89 7.05 -51.66
N LYS A 512 5.82 6.43 -50.50
CA LYS A 512 4.58 6.27 -49.75
C LYS A 512 4.79 6.54 -48.28
N MET A 513 3.79 7.14 -47.64
CA MET A 513 3.83 7.38 -46.18
C MET A 513 2.76 6.48 -45.59
N PHE A 514 3.12 5.70 -44.57
CA PHE A 514 2.20 4.77 -43.90
C PHE A 514 1.79 5.21 -42.51
N VAL A 515 0.60 5.81 -42.40
CA VAL A 515 0.07 6.31 -41.14
C VAL A 515 -0.69 5.32 -40.25
N LYS A 516 -0.47 5.42 -38.94
CA LYS A 516 -1.10 4.56 -37.94
C LYS A 516 -1.42 5.41 -36.69
N GLY A 517 -2.65 5.32 -36.17
CA GLY A 517 -3.04 6.10 -34.99
C GLY A 517 -4.49 5.94 -34.55
N ALA A 518 -4.91 6.71 -33.55
CA ALA A 518 -6.29 6.66 -33.06
C ALA A 518 -7.22 7.03 -34.20
N PRO A 519 -8.28 6.24 -34.43
CA PRO A 519 -9.27 6.47 -35.50
C PRO A 519 -9.78 7.90 -35.77
N GLU A 520 -10.20 8.62 -34.74
CA GLU A 520 -10.73 9.94 -35.00
C GLU A 520 -9.76 10.82 -35.78
N GLY A 521 -8.54 11.00 -35.26
CA GLY A 521 -7.56 11.83 -35.93
C GLY A 521 -7.24 11.34 -37.31
N VAL A 522 -6.71 10.12 -37.39
CA VAL A 522 -6.35 9.54 -38.67
C VAL A 522 -7.46 9.72 -39.67
N ILE A 523 -8.62 9.13 -39.41
CA ILE A 523 -9.75 9.22 -40.36
C ILE A 523 -10.18 10.61 -40.86
N ASP A 524 -9.98 11.66 -40.07
CA ASP A 524 -10.36 12.98 -40.56
C ASP A 524 -9.33 13.55 -41.56
N ARG A 525 -8.13 12.96 -41.60
CA ARG A 525 -7.09 13.44 -42.49
C ARG A 525 -7.00 12.50 -43.70
N CYS A 526 -8.15 11.98 -44.12
CA CYS A 526 -8.26 11.08 -45.27
C CYS A 526 -9.24 11.68 -46.25
N ASN A 527 -8.80 11.89 -47.48
CA ASN A 527 -9.70 12.45 -48.49
C ASN A 527 -10.08 11.29 -49.38
N TYR A 528 -9.28 10.23 -49.30
CA TYR A 528 -9.52 9.03 -50.10
C TYR A 528 -9.71 7.80 -49.22
N VAL A 529 -10.40 6.80 -49.78
CA VAL A 529 -10.66 5.54 -49.11
C VAL A 529 -10.21 4.44 -50.05
N ARG A 530 -9.41 3.48 -49.57
CA ARG A 530 -8.97 2.38 -50.43
C ARG A 530 -10.00 1.25 -50.49
N VAL A 531 -10.10 0.64 -51.67
CA VAL A 531 -11.02 -0.47 -51.94
C VAL A 531 -10.26 -1.47 -52.81
N GLY A 532 -9.47 -2.33 -52.19
CA GLY A 532 -8.71 -3.28 -52.98
C GLY A 532 -7.43 -2.60 -53.38
N THR A 533 -7.31 -2.22 -54.64
CA THR A 533 -6.12 -1.50 -55.11
C THR A 533 -6.59 -0.21 -55.76
N THR A 534 -7.90 -0.10 -55.91
CA THR A 534 -8.53 1.08 -56.47
C THR A 534 -8.70 2.05 -55.31
N ARG A 535 -9.18 3.25 -55.60
CA ARG A 535 -9.40 4.26 -54.57
C ARG A 535 -10.52 5.17 -54.96
N VAL A 536 -11.29 5.63 -54.00
CA VAL A 536 -12.37 6.54 -54.34
C VAL A 536 -12.49 7.53 -53.23
N PRO A 537 -13.05 8.70 -53.52
CA PRO A 537 -13.21 9.73 -52.49
C PRO A 537 -13.99 9.30 -51.24
N MET A 538 -13.46 9.67 -50.09
CA MET A 538 -14.08 9.39 -48.80
C MET A 538 -15.37 10.19 -48.77
N THR A 539 -16.51 9.52 -48.86
CA THR A 539 -17.83 10.19 -48.84
C THR A 539 -18.38 10.15 -47.43
N GLY A 540 -19.25 11.12 -47.12
CA GLY A 540 -19.88 11.20 -45.80
C GLY A 540 -20.32 9.87 -45.22
N PRO A 541 -21.14 9.09 -45.95
CA PRO A 541 -21.65 7.79 -45.53
C PRO A 541 -20.58 6.81 -45.10
N VAL A 542 -19.74 6.38 -46.04
CA VAL A 542 -18.68 5.43 -45.70
C VAL A 542 -17.95 5.83 -44.41
N LYS A 543 -17.91 7.14 -44.15
CA LYS A 543 -17.22 7.63 -42.95
C LYS A 543 -17.97 7.24 -41.70
N GLU A 544 -19.29 7.38 -41.73
CA GLU A 544 -20.10 7.02 -40.59
C GLU A 544 -20.09 5.51 -40.44
N LYS A 545 -19.95 4.82 -41.56
CA LYS A 545 -19.90 3.36 -41.55
C LYS A 545 -18.64 2.90 -40.81
N ILE A 546 -17.48 3.44 -41.20
CA ILE A 546 -16.24 3.06 -40.55
C ILE A 546 -16.24 3.45 -39.07
N LEU A 547 -16.67 4.66 -38.78
CA LEU A 547 -16.71 5.16 -37.40
C LEU A 547 -17.60 4.33 -36.49
N SER A 548 -18.76 3.91 -37.02
CA SER A 548 -19.71 3.11 -36.26
C SER A 548 -19.19 1.72 -35.89
N VAL A 549 -18.47 1.07 -36.81
CA VAL A 549 -17.90 -0.25 -36.54
C VAL A 549 -16.82 -0.15 -35.49
N ILE A 550 -16.23 1.03 -35.38
CA ILE A 550 -15.17 1.29 -34.41
C ILE A 550 -15.82 1.51 -33.03
N LYS A 551 -16.93 2.25 -33.00
CA LYS A 551 -17.66 2.54 -31.78
C LYS A 551 -18.13 1.22 -31.17
N GLU A 552 -18.54 0.32 -32.04
CA GLU A 552 -19.00 -0.99 -31.66
C GLU A 552 -17.85 -1.77 -31.02
N TRP A 553 -16.77 -1.98 -31.76
CA TRP A 553 -15.60 -2.72 -31.27
C TRP A 553 -14.94 -2.17 -30.01
N GLY A 554 -15.22 -0.91 -29.71
CA GLY A 554 -14.61 -0.29 -28.55
C GLY A 554 -15.55 -0.09 -27.38
N THR A 555 -16.85 0.00 -27.67
CA THR A 555 -17.86 0.20 -26.64
C THR A 555 -18.67 -1.06 -26.30
N GLY A 556 -18.60 -2.07 -27.15
CA GLY A 556 -19.34 -3.30 -26.92
C GLY A 556 -18.60 -4.24 -26.01
N ARG A 557 -19.08 -5.48 -25.91
CA ARG A 557 -18.45 -6.49 -25.06
C ARG A 557 -17.00 -6.82 -25.41
N ASP A 558 -16.58 -6.40 -26.60
CA ASP A 558 -15.22 -6.67 -27.07
C ASP A 558 -14.15 -5.80 -26.41
N THR A 559 -14.54 -4.59 -26.03
CA THR A 559 -13.63 -3.60 -25.42
C THR A 559 -12.28 -3.60 -26.09
N LEU A 560 -12.29 -3.33 -27.39
CA LEU A 560 -11.07 -3.33 -28.18
C LEU A 560 -10.47 -1.97 -28.40
N ARG A 561 -9.14 -1.90 -28.39
CA ARG A 561 -8.45 -0.64 -28.66
C ARG A 561 -8.30 -0.57 -30.18
N CYS A 562 -8.83 0.46 -30.81
CA CYS A 562 -8.74 0.52 -32.26
C CYS A 562 -7.75 1.51 -32.88
N LEU A 563 -7.02 0.99 -33.87
CA LEU A 563 -6.07 1.78 -34.65
C LEU A 563 -6.53 1.87 -36.09
N ALA A 564 -6.65 3.09 -36.59
CA ALA A 564 -7.04 3.28 -37.98
C ALA A 564 -5.69 3.28 -38.73
N LEU A 565 -5.62 2.67 -39.90
CA LEU A 565 -4.37 2.63 -40.65
C LEU A 565 -4.59 3.28 -42.00
N ALA A 566 -3.74 4.25 -42.33
CA ALA A 566 -3.89 4.94 -43.61
C ALA A 566 -2.56 5.06 -44.33
N THR A 567 -2.59 5.46 -45.61
CA THR A 567 -1.35 5.69 -46.34
C THR A 567 -1.45 6.92 -47.23
N ARG A 568 -0.40 7.76 -47.21
CA ARG A 568 -0.34 8.97 -48.05
C ARG A 568 0.25 8.48 -49.37
N ASP A 569 -0.58 8.45 -50.42
CA ASP A 569 -0.15 7.95 -51.72
C ASP A 569 0.84 8.85 -52.43
N THR A 570 0.55 10.13 -52.48
CA THR A 570 1.44 11.08 -53.11
C THR A 570 2.05 11.91 -51.99
N PRO A 571 3.02 11.35 -51.26
CA PRO A 571 3.65 12.08 -50.16
C PRO A 571 4.45 13.32 -50.60
N PRO A 572 4.68 14.24 -49.68
CA PRO A 572 5.43 15.44 -50.04
C PRO A 572 6.85 15.00 -50.43
N LYS A 573 7.55 15.84 -51.19
CA LYS A 573 8.91 15.48 -51.60
C LYS A 573 9.81 15.50 -50.38
N ARG A 574 10.71 14.53 -50.33
CA ARG A 574 11.64 14.41 -49.20
C ARG A 574 12.20 15.80 -48.81
N GLU A 575 12.67 16.56 -49.80
CA GLU A 575 13.25 17.90 -49.58
C GLU A 575 12.38 18.93 -48.86
N GLU A 576 11.09 18.89 -49.12
CA GLU A 576 10.15 19.83 -48.53
C GLU A 576 9.74 19.52 -47.09
N MET A 577 10.25 18.43 -46.54
CA MET A 577 9.88 18.09 -45.17
C MET A 577 10.98 18.41 -44.18
N VAL A 578 10.60 19.02 -43.06
CA VAL A 578 11.54 19.35 -42.00
C VAL A 578 11.34 18.31 -40.88
N LEU A 579 12.20 17.31 -40.83
CA LEU A 579 12.08 16.25 -39.83
C LEU A 579 12.59 16.69 -38.46
N ASP A 580 12.24 17.90 -38.03
CA ASP A 580 12.70 18.44 -36.74
C ASP A 580 11.60 19.13 -35.94
N ASP A 581 10.48 19.40 -36.59
CA ASP A 581 9.37 20.07 -35.91
C ASP A 581 8.14 19.18 -35.89
N SER A 582 8.02 18.35 -34.87
CA SER A 582 6.88 17.46 -34.80
C SER A 582 5.60 18.26 -34.96
N SER A 583 5.69 19.58 -34.79
CA SER A 583 4.54 20.45 -34.93
C SER A 583 4.11 20.52 -36.39
N ARG A 584 4.89 19.87 -37.27
CA ARG A 584 4.61 19.84 -38.70
C ARG A 584 4.21 18.44 -39.20
N PHE A 585 4.44 17.43 -38.36
CA PHE A 585 4.13 16.06 -38.71
C PHE A 585 2.69 15.79 -39.15
N MET A 586 1.70 16.33 -38.44
CA MET A 586 0.32 16.10 -38.86
C MET A 586 0.17 16.57 -40.31
N GLU A 587 0.60 17.81 -40.56
CA GLU A 587 0.59 18.44 -41.88
C GLU A 587 1.09 17.44 -42.95
N TYR A 588 2.21 16.79 -42.65
CA TYR A 588 2.80 15.82 -43.56
C TYR A 588 1.87 14.63 -43.74
N GLU A 589 1.18 14.28 -42.66
CA GLU A 589 0.22 13.18 -42.64
C GLU A 589 -1.18 13.72 -42.98
N THR A 590 -1.42 14.03 -44.25
CA THR A 590 -2.72 14.53 -44.68
C THR A 590 -3.03 13.98 -46.06
N ASP A 591 -4.17 14.37 -46.59
CA ASP A 591 -4.60 13.90 -47.90
C ASP A 591 -4.34 12.40 -47.95
N LEU A 592 -4.67 11.73 -46.84
CA LEU A 592 -4.49 10.29 -46.68
C LEU A 592 -5.63 9.45 -47.27
N THR A 593 -5.32 8.18 -47.47
CA THR A 593 -6.29 7.20 -47.99
C THR A 593 -6.49 6.22 -46.84
N PHE A 594 -7.75 5.95 -46.51
CA PHE A 594 -8.05 4.99 -45.43
C PHE A 594 -7.83 3.54 -45.89
N VAL A 595 -6.92 2.81 -45.25
CA VAL A 595 -6.67 1.41 -45.66
C VAL A 595 -7.46 0.39 -44.81
N GLY A 596 -7.41 0.55 -43.49
CA GLY A 596 -8.11 -0.39 -42.62
C GLY A 596 -8.17 -0.01 -41.16
N VAL A 597 -8.64 -0.94 -40.34
CA VAL A 597 -8.77 -0.77 -38.90
C VAL A 597 -8.50 -2.11 -38.24
N VAL A 598 -7.67 -2.09 -37.21
CA VAL A 598 -7.32 -3.25 -36.44
C VAL A 598 -7.83 -2.97 -35.01
N GLY A 599 -8.27 -4.02 -34.33
CA GLY A 599 -8.78 -3.86 -32.99
C GLY A 599 -8.10 -4.85 -32.09
N MET A 600 -7.37 -4.37 -31.10
CA MET A 600 -6.65 -5.27 -30.19
C MET A 600 -7.27 -5.28 -28.82
N LEU A 601 -6.90 -6.28 -28.04
CA LEU A 601 -7.40 -6.45 -26.69
C LEU A 601 -6.32 -6.65 -25.63
N ASP A 602 -6.47 -5.95 -24.51
CA ASP A 602 -5.56 -6.10 -23.37
C ASP A 602 -6.52 -6.75 -22.36
N PRO A 603 -6.59 -8.08 -22.37
CA PRO A 603 -7.41 -8.98 -21.57
C PRO A 603 -7.37 -8.90 -20.06
N PRO A 604 -8.57 -8.84 -19.42
CA PRO A 604 -8.67 -8.76 -17.96
C PRO A 604 -8.06 -10.02 -17.35
N ARG A 605 -7.34 -9.85 -16.25
CA ARG A 605 -6.74 -10.97 -15.52
C ARG A 605 -7.85 -11.99 -15.24
N LYS A 606 -7.51 -13.28 -15.33
CA LYS A 606 -8.50 -14.33 -15.12
C LYS A 606 -9.12 -14.34 -13.74
N GLU A 607 -8.64 -13.52 -12.82
CA GLU A 607 -9.24 -13.50 -11.49
C GLU A 607 -9.76 -12.16 -11.04
N VAL A 608 -9.96 -11.22 -11.96
CA VAL A 608 -10.47 -9.92 -11.55
C VAL A 608 -11.96 -9.92 -11.26
N MET A 609 -12.77 -10.44 -12.20
CA MET A 609 -14.24 -10.48 -12.01
C MET A 609 -14.58 -11.04 -10.64
N GLY A 610 -13.88 -12.11 -10.27
CA GLY A 610 -14.10 -12.72 -8.98
C GLY A 610 -13.79 -11.71 -7.89
N SER A 611 -12.53 -11.30 -7.83
CA SER A 611 -12.10 -10.35 -6.81
C SER A 611 -12.99 -9.12 -6.74
N ILE A 612 -13.50 -8.65 -7.87
CA ILE A 612 -14.39 -7.50 -7.89
C ILE A 612 -15.71 -7.91 -7.18
N GLN A 613 -16.26 -9.10 -7.48
CA GLN A 613 -17.47 -9.54 -6.79
C GLN A 613 -17.16 -9.65 -5.30
N LEU A 614 -16.04 -10.28 -4.98
CA LEU A 614 -15.63 -10.42 -3.61
C LEU A 614 -15.69 -9.04 -2.95
N CYS A 615 -15.46 -7.99 -3.74
CA CYS A 615 -15.47 -6.63 -3.21
C CYS A 615 -16.87 -6.03 -3.04
N ARG A 616 -17.80 -6.41 -3.92
CA ARG A 616 -19.15 -5.88 -3.83
C ARG A 616 -19.75 -6.43 -2.55
N ASP A 617 -19.42 -7.68 -2.25
CA ASP A 617 -19.92 -8.30 -1.04
C ASP A 617 -19.31 -7.59 0.14
N ALA A 618 -17.99 -7.56 0.20
CA ALA A 618 -17.33 -6.91 1.33
C ALA A 618 -17.67 -5.42 1.44
N GLY A 619 -18.53 -4.93 0.54
CA GLY A 619 -18.88 -3.52 0.61
C GLY A 619 -17.69 -2.61 0.32
N ILE A 620 -16.78 -3.08 -0.55
CA ILE A 620 -15.60 -2.31 -0.92
C ILE A 620 -15.73 -1.77 -2.34
N ARG A 621 -15.71 -0.44 -2.48
CA ARG A 621 -15.83 0.20 -3.80
C ARG A 621 -14.55 0.06 -4.61
N VAL A 622 -14.69 -0.26 -5.89
CA VAL A 622 -13.52 -0.39 -6.74
C VAL A 622 -13.51 0.67 -7.83
N ILE A 623 -12.52 1.58 -7.77
CA ILE A 623 -12.41 2.66 -8.76
C ILE A 623 -11.28 2.38 -9.76
N MET A 624 -11.62 2.27 -11.04
CA MET A 624 -10.62 2.02 -12.08
C MET A 624 -10.05 3.34 -12.64
N ILE A 625 -8.76 3.35 -12.91
CA ILE A 625 -8.13 4.53 -13.51
C ILE A 625 -7.40 4.00 -14.73
N THR A 626 -7.87 4.40 -15.90
CA THR A 626 -7.31 3.92 -17.15
C THR A 626 -6.87 4.97 -18.18
N GLY A 627 -6.14 4.50 -19.18
CA GLY A 627 -5.68 5.36 -20.26
C GLY A 627 -6.69 5.31 -21.39
N ASP A 628 -7.50 4.26 -21.46
CA ASP A 628 -8.52 4.17 -22.50
C ASP A 628 -9.36 5.43 -22.51
N ASN A 629 -10.21 5.57 -23.52
CA ASN A 629 -11.08 6.74 -23.60
C ASN A 629 -12.28 6.46 -22.69
N LYS A 630 -13.10 7.49 -22.43
CA LYS A 630 -14.27 7.33 -21.57
C LYS A 630 -15.12 6.18 -22.11
N GLY A 631 -15.35 6.21 -23.42
CA GLY A 631 -16.14 5.16 -24.04
C GLY A 631 -15.67 3.74 -23.77
N THR A 632 -14.41 3.45 -24.05
CA THR A 632 -13.92 2.09 -23.81
C THR A 632 -13.74 1.83 -22.32
N ALA A 633 -13.54 2.91 -21.56
CA ALA A 633 -13.34 2.76 -20.13
C ALA A 633 -14.63 2.22 -19.50
N ILE A 634 -15.73 2.92 -19.73
CA ILE A 634 -17.01 2.47 -19.21
C ILE A 634 -17.23 1.04 -19.68
N ALA A 635 -17.00 0.79 -20.97
CA ALA A 635 -17.13 -0.54 -21.53
C ALA A 635 -16.31 -1.60 -20.82
N ILE A 636 -15.11 -1.26 -20.37
CA ILE A 636 -14.29 -2.27 -19.68
C ILE A 636 -14.78 -2.47 -18.26
N CYS A 637 -15.29 -1.38 -17.69
CA CYS A 637 -15.79 -1.42 -16.34
C CYS A 637 -16.92 -2.41 -16.23
N ARG A 638 -17.82 -2.43 -17.20
CA ARG A 638 -18.93 -3.38 -17.18
C ARG A 638 -18.35 -4.78 -17.41
N ARG A 639 -17.52 -4.92 -18.42
CA ARG A 639 -16.93 -6.22 -18.71
C ARG A 639 -16.38 -6.98 -17.50
N ILE A 640 -15.83 -6.28 -16.53
CA ILE A 640 -15.27 -6.97 -15.36
C ILE A 640 -16.18 -6.87 -14.14
N GLY A 641 -17.25 -6.09 -14.24
CA GLY A 641 -18.16 -5.96 -13.12
C GLY A 641 -18.19 -4.65 -12.37
N ILE A 642 -17.26 -3.73 -12.63
CA ILE A 642 -17.28 -2.46 -11.90
C ILE A 642 -18.61 -1.77 -12.11
N PHE A 643 -19.27 -2.09 -13.22
CA PHE A 643 -20.57 -1.52 -13.56
C PHE A 643 -21.46 -2.65 -14.06
N GLY A 644 -22.78 -2.43 -14.00
CA GLY A 644 -23.72 -3.43 -14.50
C GLY A 644 -23.97 -3.16 -15.96
N GLU A 645 -24.01 -4.21 -16.77
CA GLU A 645 -24.22 -4.06 -18.21
C GLU A 645 -25.16 -2.95 -18.63
N ASN A 646 -26.26 -2.80 -17.92
CA ASN A 646 -27.22 -1.79 -18.29
C ASN A 646 -27.38 -0.63 -17.33
N GLU A 647 -26.77 -0.73 -16.15
CA GLU A 647 -26.88 0.35 -15.17
C GLU A 647 -26.36 1.70 -15.68
N GLU A 648 -27.09 2.77 -15.34
CA GLU A 648 -26.72 4.12 -15.76
C GLU A 648 -25.46 4.58 -15.03
N VAL A 649 -24.54 5.16 -15.79
CA VAL A 649 -23.29 5.64 -15.20
C VAL A 649 -22.99 7.08 -15.64
N ALA A 650 -24.02 7.79 -16.02
CA ALA A 650 -23.88 9.17 -16.47
C ALA A 650 -23.09 10.10 -15.54
N ASP A 651 -22.92 9.70 -14.28
CA ASP A 651 -22.23 10.53 -13.29
C ASP A 651 -21.25 9.72 -12.46
N ARG A 652 -20.98 8.50 -12.91
CA ARG A 652 -20.09 7.61 -12.19
C ARG A 652 -18.82 7.34 -12.95
N ALA A 653 -18.63 8.06 -14.05
CA ALA A 653 -17.44 7.90 -14.90
C ALA A 653 -16.99 9.26 -15.40
N TYR A 654 -15.74 9.59 -15.17
CA TYR A 654 -15.23 10.88 -15.64
C TYR A 654 -13.88 10.77 -16.33
N THR A 655 -13.59 11.75 -17.18
CA THR A 655 -12.31 11.79 -17.86
C THR A 655 -11.61 12.97 -17.21
N GLY A 656 -10.31 12.86 -17.00
CA GLY A 656 -9.57 13.94 -16.38
C GLY A 656 -10.03 15.34 -16.79
N ARG A 657 -10.41 15.49 -18.05
CA ARG A 657 -10.86 16.77 -18.57
C ARG A 657 -12.21 17.18 -17.94
N GLU A 658 -13.23 16.31 -18.06
CA GLU A 658 -14.55 16.58 -17.50
C GLU A 658 -14.44 16.89 -15.99
N PHE A 659 -13.44 16.31 -15.35
CA PHE A 659 -13.24 16.49 -13.91
C PHE A 659 -12.74 17.89 -13.61
N ASP A 660 -11.77 18.36 -14.40
CA ASP A 660 -11.22 19.68 -14.17
C ASP A 660 -12.23 20.79 -14.44
N ASP A 661 -13.26 20.48 -15.23
CA ASP A 661 -14.30 21.45 -15.56
C ASP A 661 -15.24 21.69 -14.37
N LEU A 662 -15.62 20.63 -13.66
CA LEU A 662 -16.50 20.76 -12.50
C LEU A 662 -15.81 21.59 -11.41
N PRO A 663 -16.59 22.37 -10.65
CA PRO A 663 -16.06 23.22 -9.57
C PRO A 663 -15.64 22.37 -8.38
N LEU A 664 -14.65 22.85 -7.62
CA LEU A 664 -14.11 22.13 -6.46
C LEU A 664 -15.14 21.46 -5.56
N ALA A 665 -16.40 21.80 -5.71
CA ALA A 665 -17.44 21.19 -4.88
C ALA A 665 -17.95 19.91 -5.52
N GLU A 666 -18.25 19.99 -6.82
CA GLU A 666 -18.75 18.87 -7.58
C GLU A 666 -17.71 17.79 -7.74
N GLN A 667 -16.44 18.17 -7.66
CA GLN A 667 -15.35 17.20 -7.79
C GLN A 667 -15.38 16.29 -6.59
N ARG A 668 -15.69 16.87 -5.42
CA ARG A 668 -15.74 16.10 -4.20
C ARG A 668 -16.95 15.17 -4.25
N GLU A 669 -18.03 15.66 -4.83
CA GLU A 669 -19.25 14.88 -4.95
C GLU A 669 -19.05 13.73 -5.92
N ALA A 670 -18.21 13.95 -6.92
CA ALA A 670 -17.94 12.95 -7.95
C ALA A 670 -17.02 11.86 -7.44
N CYS A 671 -16.17 12.19 -6.49
CA CYS A 671 -15.25 11.21 -5.96
C CYS A 671 -15.94 10.22 -5.04
N ARG A 672 -17.15 10.56 -4.60
CA ARG A 672 -17.86 9.63 -3.73
C ARG A 672 -18.77 8.70 -4.51
N ARG A 673 -18.99 8.98 -5.79
CA ARG A 673 -19.87 8.15 -6.60
C ARG A 673 -19.20 7.48 -7.81
N ALA A 674 -18.17 8.13 -8.34
CA ALA A 674 -17.46 7.61 -9.50
C ALA A 674 -16.84 6.26 -9.24
N CYS A 675 -16.52 5.56 -10.33
CA CYS A 675 -15.88 4.25 -10.23
C CYS A 675 -14.93 4.08 -11.40
N CYS A 676 -14.92 5.07 -12.28
CA CYS A 676 -14.12 5.01 -13.49
C CYS A 676 -13.49 6.33 -13.95
N PHE A 677 -12.17 6.42 -13.92
CA PHE A 677 -11.47 7.63 -14.37
C PHE A 677 -10.64 7.36 -15.64
N ALA A 678 -10.96 8.06 -16.72
CA ALA A 678 -10.27 7.89 -17.99
C ALA A 678 -9.46 9.11 -18.41
N ARG A 679 -8.21 8.89 -18.79
CA ARG A 679 -7.38 10.00 -19.25
C ARG A 679 -7.24 11.01 -18.11
N VAL A 680 -6.66 10.56 -17.02
CA VAL A 680 -6.51 11.42 -15.87
C VAL A 680 -5.23 12.25 -15.87
N GLU A 681 -5.27 13.40 -15.21
CA GLU A 681 -4.14 14.30 -15.15
C GLU A 681 -3.06 13.89 -14.14
N PRO A 682 -1.88 14.53 -14.23
CA PRO A 682 -0.82 14.17 -13.29
C PRO A 682 -1.18 14.35 -11.82
N SER A 683 -1.93 15.40 -11.50
CA SER A 683 -2.30 15.65 -10.12
C SER A 683 -3.65 15.13 -9.65
N HIS A 684 -4.31 14.29 -10.46
CA HIS A 684 -5.62 13.78 -10.07
C HIS A 684 -5.67 12.69 -9.02
N LYS A 685 -4.87 11.65 -9.20
CA LYS A 685 -4.88 10.60 -8.21
C LYS A 685 -4.78 11.23 -6.83
N SER A 686 -3.93 12.23 -6.65
CA SER A 686 -3.78 12.90 -5.34
C SER A 686 -5.08 13.59 -4.90
N LYS A 687 -5.73 14.30 -5.82
CA LYS A 687 -6.98 14.96 -5.49
C LYS A 687 -8.01 13.91 -5.17
N ILE A 688 -8.07 12.86 -5.98
CA ILE A 688 -9.03 11.80 -5.72
C ILE A 688 -8.86 11.30 -4.27
N VAL A 689 -7.62 10.98 -3.89
CA VAL A 689 -7.31 10.49 -2.55
C VAL A 689 -7.78 11.47 -1.47
N GLU A 690 -7.55 12.76 -1.71
CA GLU A 690 -7.95 13.79 -0.77
C GLU A 690 -9.47 13.90 -0.65
N TYR A 691 -10.17 13.86 -1.78
CA TYR A 691 -11.61 13.96 -1.73
C TYR A 691 -12.22 12.70 -1.12
N LEU A 692 -11.48 11.59 -1.21
CA LEU A 692 -12.00 10.35 -0.66
C LEU A 692 -11.82 10.38 0.85
N GLN A 693 -10.66 10.86 1.29
CA GLN A 693 -10.37 10.94 2.71
C GLN A 693 -11.33 11.89 3.44
N SER A 694 -11.93 12.84 2.71
CA SER A 694 -12.84 13.78 3.36
C SER A 694 -14.14 13.06 3.72
N TYR A 695 -14.37 11.91 3.09
CA TYR A 695 -15.54 11.11 3.37
C TYR A 695 -15.18 9.98 4.32
N ASP A 696 -14.08 10.18 5.02
CA ASP A 696 -13.59 9.21 6.00
C ASP A 696 -13.38 7.80 5.47
N GLU A 697 -12.91 7.69 4.24
CA GLU A 697 -12.68 6.38 3.67
C GLU A 697 -11.23 5.99 3.54
N ILE A 698 -10.89 4.84 4.11
CA ILE A 698 -9.54 4.31 4.03
C ILE A 698 -9.34 3.87 2.58
N THR A 699 -8.43 4.55 1.89
CA THR A 699 -8.18 4.27 0.49
C THR A 699 -6.89 3.56 0.11
N ALA A 700 -7.04 2.67 -0.86
CA ALA A 700 -5.95 1.89 -1.42
C ALA A 700 -5.81 2.55 -2.78
N MET A 701 -4.59 2.87 -3.17
CA MET A 701 -4.35 3.54 -4.45
C MET A 701 -3.11 2.91 -5.06
N THR A 702 -3.26 2.37 -6.27
CA THR A 702 -2.15 1.73 -6.99
C THR A 702 -1.41 2.78 -7.83
N GLY A 703 -0.30 2.37 -8.45
CA GLY A 703 0.42 3.29 -9.31
C GLY A 703 1.92 3.30 -9.09
N ASP A 704 2.71 3.66 -10.10
CA ASP A 704 4.14 3.71 -9.85
C ASP A 704 4.92 4.82 -10.56
N GLY A 705 6.23 4.83 -10.35
CA GLY A 705 7.05 5.88 -10.90
C GLY A 705 6.87 7.05 -9.96
N VAL A 706 7.73 8.07 -10.06
CA VAL A 706 7.64 9.23 -9.18
C VAL A 706 6.38 10.09 -9.40
N ASN A 707 5.77 10.03 -10.58
CA ASN A 707 4.56 10.85 -10.76
C ASN A 707 3.47 10.40 -9.79
N ASP A 708 3.48 9.12 -9.43
CA ASP A 708 2.48 8.56 -8.53
C ASP A 708 2.84 8.62 -7.06
N ALA A 709 4.14 8.70 -6.77
CA ALA A 709 4.64 8.77 -5.40
C ALA A 709 3.77 9.62 -4.49
N PRO A 710 3.49 10.87 -4.88
CA PRO A 710 2.65 11.72 -4.02
C PRO A 710 1.35 11.04 -3.62
N ALA A 711 0.55 10.67 -4.61
CA ALA A 711 -0.73 9.99 -4.36
C ALA A 711 -0.56 8.83 -3.38
N LEU A 712 0.35 7.92 -3.69
CA LEU A 712 0.61 6.78 -2.82
C LEU A 712 0.91 7.19 -1.39
N LYS A 713 1.73 8.23 -1.26
CA LYS A 713 2.11 8.74 0.06
C LYS A 713 0.85 9.18 0.81
N LYS A 714 -0.08 9.78 0.09
CA LYS A 714 -1.30 10.24 0.71
C LYS A 714 -2.23 9.08 1.10
N ALA A 715 -2.62 8.27 0.12
CA ALA A 715 -3.52 7.16 0.39
C ALA A 715 -3.12 6.38 1.63
N GLU A 716 -4.11 5.81 2.30
CA GLU A 716 -3.89 5.03 3.50
C GLU A 716 -3.16 3.76 3.13
N ILE A 717 -3.39 3.28 1.93
CA ILE A 717 -2.68 2.09 1.49
C ILE A 717 -2.23 2.29 0.05
N GLY A 718 -1.01 2.79 -0.06
CA GLY A 718 -0.39 3.03 -1.34
C GLY A 718 0.14 1.70 -1.83
N ILE A 719 -0.23 1.35 -3.05
CA ILE A 719 0.17 0.08 -3.61
C ILE A 719 1.05 0.27 -4.85
N ALA A 720 2.19 -0.43 -4.83
CA ALA A 720 3.13 -0.41 -5.94
C ALA A 720 3.17 -1.80 -6.58
N MET A 721 3.75 -1.90 -7.76
CA MET A 721 3.85 -3.18 -8.44
C MET A 721 5.23 -3.75 -8.16
N GLY A 722 5.35 -5.07 -8.19
CA GLY A 722 6.63 -5.70 -7.93
C GLY A 722 7.61 -5.33 -9.02
N SER A 723 7.06 -5.05 -10.20
CA SER A 723 7.82 -4.65 -11.37
C SER A 723 7.90 -3.12 -11.48
N GLY A 724 7.47 -2.43 -10.43
CA GLY A 724 7.47 -0.97 -10.46
C GLY A 724 8.82 -0.32 -10.14
N THR A 725 8.86 1.01 -10.22
CA THR A 725 10.07 1.74 -9.94
C THR A 725 10.44 1.54 -8.49
N ALA A 726 11.66 1.93 -8.16
CA ALA A 726 12.15 1.81 -6.79
C ALA A 726 11.45 2.82 -5.90
N VAL A 727 11.30 4.05 -6.37
CA VAL A 727 10.65 5.09 -5.57
C VAL A 727 9.19 4.77 -5.33
N ALA A 728 8.53 4.18 -6.31
CA ALA A 728 7.13 3.82 -6.14
C ALA A 728 7.06 2.93 -4.90
N LYS A 729 7.83 1.85 -4.90
CA LYS A 729 7.84 0.91 -3.76
C LYS A 729 8.11 1.54 -2.41
N THR A 730 9.13 2.37 -2.35
CA THR A 730 9.52 3.01 -1.09
C THR A 730 8.47 4.02 -0.59
N ALA A 731 7.54 4.38 -1.46
CA ALA A 731 6.49 5.33 -1.12
C ALA A 731 5.21 4.59 -0.78
N SER A 732 5.20 3.29 -1.05
CA SER A 732 3.99 2.51 -0.81
C SER A 732 3.99 1.74 0.49
N GLU A 733 2.78 1.44 0.95
CA GLU A 733 2.57 0.69 2.17
C GLU A 733 2.63 -0.80 1.84
N MET A 734 2.19 -1.17 0.64
CA MET A 734 2.22 -2.57 0.20
C MET A 734 2.63 -2.75 -1.26
N VAL A 735 3.40 -3.80 -1.53
CA VAL A 735 3.84 -4.12 -2.89
C VAL A 735 3.18 -5.41 -3.36
N LEU A 736 2.71 -5.39 -4.61
CA LEU A 736 2.04 -6.54 -5.23
C LEU A 736 3.03 -7.45 -5.95
N ALA A 737 3.62 -8.41 -5.23
CA ALA A 737 4.59 -9.29 -5.87
C ALA A 737 4.17 -9.85 -7.23
N ASP A 738 2.93 -9.67 -7.64
CA ASP A 738 2.57 -10.21 -8.95
C ASP A 738 1.83 -9.23 -9.83
N ASP A 739 1.69 -8.01 -9.32
CA ASP A 739 1.02 -6.94 -10.05
C ASP A 739 -0.46 -7.24 -10.30
N ASN A 740 -1.02 -8.21 -9.56
CA ASN A 740 -2.40 -8.64 -9.73
C ASN A 740 -3.42 -8.02 -8.77
N PHE A 741 -4.46 -7.42 -9.33
CA PHE A 741 -5.51 -6.78 -8.55
C PHE A 741 -6.04 -7.68 -7.44
N SER A 742 -6.16 -8.97 -7.74
CA SER A 742 -6.68 -9.92 -6.78
C SER A 742 -5.78 -10.06 -5.56
N THR A 743 -4.50 -9.80 -5.73
CA THR A 743 -3.64 -9.91 -4.60
C THR A 743 -4.08 -8.87 -3.60
N ILE A 744 -4.53 -7.73 -4.11
CA ILE A 744 -4.98 -6.66 -3.22
C ILE A 744 -6.10 -7.19 -2.40
N VAL A 745 -7.12 -7.71 -3.07
CA VAL A 745 -8.27 -8.24 -2.36
C VAL A 745 -7.87 -9.31 -1.35
N ALA A 746 -6.99 -10.21 -1.74
CA ALA A 746 -6.57 -11.25 -0.83
C ALA A 746 -6.01 -10.62 0.45
N ALA A 747 -5.30 -9.52 0.32
CA ALA A 747 -4.71 -8.87 1.48
C ALA A 747 -5.78 -8.24 2.37
N VAL A 748 -6.79 -7.64 1.76
CA VAL A 748 -7.84 -7.03 2.56
C VAL A 748 -8.50 -8.08 3.44
N GLU A 749 -8.84 -9.22 2.85
CA GLU A 749 -9.46 -10.32 3.59
C GLU A 749 -8.54 -10.70 4.76
N GLU A 750 -7.28 -10.96 4.41
CA GLU A 750 -6.26 -11.34 5.40
C GLU A 750 -6.09 -10.29 6.49
N GLY A 751 -6.42 -9.05 6.18
CA GLY A 751 -6.29 -8.00 7.17
C GLY A 751 -7.50 -8.04 8.05
N ARG A 752 -8.61 -8.49 7.46
CA ARG A 752 -9.86 -8.60 8.18
C ARG A 752 -9.75 -9.68 9.26
N ALA A 753 -9.07 -10.79 8.92
CA ALA A 753 -8.87 -11.88 9.87
C ALA A 753 -8.12 -11.26 11.04
N ILE A 754 -6.88 -10.88 10.75
CA ILE A 754 -5.98 -10.26 11.69
C ILE A 754 -6.67 -9.28 12.66
N TYR A 755 -7.45 -8.33 12.15
CA TYR A 755 -8.07 -7.38 13.05
C TYR A 755 -9.03 -8.08 13.99
N ASN A 756 -9.86 -9.00 13.47
CA ASN A 756 -10.78 -9.72 14.34
C ASN A 756 -10.04 -10.48 15.45
N ASN A 757 -8.91 -11.23 15.08
CA ASN A 757 -8.14 -11.93 16.08
C ASN A 757 -7.50 -10.97 17.05
N MET A 758 -7.03 -9.84 16.53
CA MET A 758 -6.43 -8.83 17.41
C MET A 758 -7.50 -8.34 18.38
N LYS A 759 -8.72 -8.17 17.88
CA LYS A 759 -9.80 -7.70 18.73
C LYS A 759 -10.18 -8.78 19.72
N GLN A 760 -9.80 -10.02 19.41
CA GLN A 760 -10.09 -11.13 20.31
C GLN A 760 -9.12 -11.08 21.49
N PHE A 761 -7.82 -11.16 21.22
CA PHE A 761 -6.86 -11.13 22.31
C PHE A 761 -6.83 -9.81 23.06
N ILE A 762 -7.23 -8.73 22.41
CA ILE A 762 -7.25 -7.48 23.14
C ILE A 762 -8.23 -7.65 24.32
N ARG A 763 -9.46 -8.09 24.04
CA ARG A 763 -10.46 -8.29 25.10
C ARG A 763 -9.97 -9.32 26.11
N TYR A 764 -9.33 -10.36 25.60
CA TYR A 764 -8.78 -11.40 26.46
C TYR A 764 -7.99 -10.72 27.56
N LEU A 765 -6.90 -10.07 27.16
CA LEU A 765 -6.03 -9.40 28.10
C LEU A 765 -6.73 -8.35 28.98
N ILE A 766 -7.31 -7.32 28.39
CA ILE A 766 -7.96 -6.29 29.21
C ILE A 766 -8.91 -6.87 30.28
N SER A 767 -9.58 -7.97 29.95
CA SER A 767 -10.48 -8.62 30.92
C SER A 767 -9.63 -9.12 32.07
N SER A 768 -8.47 -9.67 31.74
CA SER A 768 -7.54 -10.15 32.74
C SER A 768 -7.16 -8.99 33.66
N ASN A 769 -7.04 -7.80 33.09
CA ASN A 769 -6.68 -6.64 33.90
C ASN A 769 -7.81 -6.23 34.83
N VAL A 770 -9.04 -6.28 34.37
CA VAL A 770 -10.19 -5.93 35.21
C VAL A 770 -10.29 -6.87 36.42
N GLY A 771 -10.08 -8.16 36.19
CA GLY A 771 -10.13 -9.12 37.28
C GLY A 771 -9.12 -8.78 38.35
N GLU A 772 -7.94 -8.35 37.91
CA GLU A 772 -6.88 -7.98 38.83
C GLU A 772 -7.19 -6.69 39.55
N VAL A 773 -7.80 -5.74 38.87
CA VAL A 773 -8.13 -4.46 39.50
C VAL A 773 -9.22 -4.65 40.55
N VAL A 774 -10.12 -5.58 40.28
CA VAL A 774 -11.21 -5.88 41.20
C VAL A 774 -10.61 -6.58 42.38
N CYS A 775 -9.60 -7.39 42.11
CA CYS A 775 -8.91 -8.13 43.15
C CYS A 775 -8.22 -7.21 44.15
N ILE A 776 -7.53 -6.21 43.63
CA ILE A 776 -6.86 -5.27 44.51
C ILE A 776 -7.92 -4.43 45.21
N PHE A 777 -8.68 -3.64 44.45
CA PHE A 777 -9.69 -2.79 45.07
C PHE A 777 -10.50 -3.52 46.14
N LEU A 778 -10.67 -4.83 45.99
CA LEU A 778 -11.42 -5.60 46.98
C LEU A 778 -10.60 -5.78 48.25
N THR A 779 -9.40 -6.33 48.09
CA THR A 779 -8.54 -6.54 49.24
C THR A 779 -8.28 -5.21 49.96
N ALA A 780 -8.69 -4.10 49.35
CA ALA A 780 -8.47 -2.79 49.94
C ALA A 780 -9.74 -2.23 50.59
N ALA A 781 -10.89 -2.48 49.97
CA ALA A 781 -12.17 -2.02 50.49
C ALA A 781 -12.62 -2.92 51.64
N LEU A 782 -11.97 -4.07 51.76
CA LEU A 782 -12.28 -5.01 52.82
C LEU A 782 -11.06 -5.18 53.72
N GLY A 783 -10.17 -4.20 53.69
CA GLY A 783 -8.98 -4.24 54.52
C GLY A 783 -8.25 -5.56 54.64
N LEU A 784 -8.45 -6.46 53.67
CA LEU A 784 -7.78 -7.75 53.68
C LEU A 784 -6.32 -7.57 53.28
N PRO A 785 -5.48 -8.58 53.55
CA PRO A 785 -4.06 -8.51 53.20
C PRO A 785 -3.94 -8.64 51.68
N GLU A 786 -2.96 -7.99 51.07
CA GLU A 786 -2.79 -8.07 49.62
C GLU A 786 -2.73 -9.51 49.15
N ALA A 787 -3.54 -9.84 48.14
CA ALA A 787 -3.59 -11.19 47.59
C ALA A 787 -2.58 -11.38 46.47
N LEU A 788 -2.41 -10.36 45.66
CA LEU A 788 -1.47 -10.41 44.54
C LEU A 788 -0.58 -9.18 44.49
N ILE A 789 0.70 -9.39 44.22
CA ILE A 789 1.63 -8.29 44.15
C ILE A 789 2.10 -8.06 42.71
N PRO A 790 2.54 -6.83 42.40
CA PRO A 790 3.01 -6.49 41.05
C PRO A 790 3.98 -7.47 40.39
N VAL A 791 5.03 -7.86 41.08
CA VAL A 791 5.98 -8.79 40.46
C VAL A 791 5.25 -10.02 39.93
N GLN A 792 4.21 -10.46 40.63
CA GLN A 792 3.44 -11.61 40.17
C GLN A 792 2.59 -11.19 38.98
N LEU A 793 1.76 -10.16 39.20
CA LEU A 793 0.88 -9.64 38.15
C LEU A 793 1.65 -9.44 36.84
N LEU A 794 2.83 -8.82 36.92
CA LEU A 794 3.64 -8.59 35.73
C LEU A 794 3.92 -9.89 34.97
N TRP A 795 4.54 -10.86 35.64
CA TRP A 795 4.84 -12.13 35.00
C TRP A 795 3.58 -12.70 34.36
N VAL A 796 2.43 -12.31 34.89
CA VAL A 796 1.17 -12.80 34.36
C VAL A 796 0.85 -12.04 33.09
N ASN A 797 0.53 -10.77 33.24
CA ASN A 797 0.18 -9.93 32.10
C ASN A 797 1.25 -9.86 31.01
N LEU A 798 2.39 -10.47 31.27
CA LEU A 798 3.48 -10.44 30.31
C LEU A 798 3.69 -11.79 29.69
N VAL A 799 3.90 -12.80 30.53
CA VAL A 799 4.15 -14.17 30.06
C VAL A 799 2.89 -15.02 30.07
N THR A 800 2.55 -15.53 31.25
CA THR A 800 1.37 -16.38 31.42
C THR A 800 0.30 -16.05 30.40
N ASP A 801 -0.21 -14.82 30.49
CA ASP A 801 -1.23 -14.30 29.58
C ASP A 801 -0.65 -13.94 28.22
N GLY A 802 0.67 -13.74 28.19
CA GLY A 802 1.33 -13.38 26.94
C GLY A 802 1.17 -14.40 25.84
N LEU A 803 1.68 -15.61 26.04
CA LEU A 803 1.60 -16.65 25.03
C LEU A 803 0.19 -16.91 24.47
N PRO A 804 -0.79 -17.20 25.34
CA PRO A 804 -2.13 -17.46 24.82
C PRO A 804 -2.66 -16.32 23.95
N ALA A 805 -2.44 -15.09 24.38
CA ALA A 805 -2.87 -13.93 23.62
C ALA A 805 -2.25 -14.05 22.23
N THR A 806 -0.98 -14.45 22.20
CA THR A 806 -0.29 -14.61 20.93
C THR A 806 -0.93 -15.76 20.19
N ALA A 807 -1.20 -16.84 20.91
CA ALA A 807 -1.83 -18.02 20.32
C ALA A 807 -3.10 -17.64 19.56
N LEU A 808 -3.93 -16.81 20.18
CA LEU A 808 -5.18 -16.39 19.55
C LEU A 808 -4.94 -15.80 18.17
N GLY A 809 -3.68 -15.55 17.84
CA GLY A 809 -3.34 -14.97 16.54
C GLY A 809 -3.63 -15.94 15.41
N PHE A 810 -3.70 -17.21 15.75
CA PHE A 810 -3.97 -18.23 14.75
C PHE A 810 -5.41 -18.75 14.85
N ASN A 811 -6.30 -17.97 15.47
CA ASN A 811 -7.70 -18.37 15.59
C ASN A 811 -8.32 -18.43 14.20
N PRO A 812 -9.02 -19.54 13.87
CA PRO A 812 -9.67 -19.69 12.56
C PRO A 812 -10.54 -18.48 12.22
N PRO A 813 -10.44 -17.96 10.98
CA PRO A 813 -11.19 -16.82 10.46
C PRO A 813 -12.68 -17.11 10.30
N ASP A 814 -13.50 -16.06 10.21
CA ASP A 814 -14.93 -16.28 10.03
C ASP A 814 -15.17 -16.56 8.55
N LEU A 815 -16.11 -17.46 8.25
CA LEU A 815 -16.41 -17.80 6.87
C LEU A 815 -17.11 -16.65 6.14
N ASP A 816 -17.83 -15.82 6.90
CA ASP A 816 -18.52 -14.68 6.31
C ASP A 816 -17.66 -13.45 6.58
N ILE A 817 -16.35 -13.66 6.62
CA ILE A 817 -15.41 -12.57 6.90
C ILE A 817 -15.45 -11.48 5.81
N MET A 818 -15.75 -11.88 4.58
CA MET A 818 -15.81 -10.95 3.46
C MET A 818 -17.22 -10.61 3.01
N ASP A 819 -18.22 -11.13 3.71
CA ASP A 819 -19.59 -10.83 3.31
C ASP A 819 -20.28 -9.79 4.19
N ARG A 820 -19.47 -8.92 4.79
CA ARG A 820 -19.98 -7.84 5.63
C ARG A 820 -19.15 -6.57 5.33
N PRO A 821 -19.80 -5.39 5.33
CA PRO A 821 -19.17 -4.09 5.05
C PRO A 821 -17.85 -3.74 5.76
N PRO A 822 -17.18 -2.67 5.31
CA PRO A 822 -15.92 -2.23 5.92
C PRO A 822 -16.08 -1.63 7.31
N ARG A 823 -15.27 -2.10 8.25
CA ARG A 823 -15.34 -1.57 9.62
C ARG A 823 -15.09 -0.05 9.66
N SER A 824 -16.07 0.72 10.13
CA SER A 824 -15.87 2.16 10.20
C SER A 824 -14.77 2.47 11.20
N PRO A 825 -13.84 3.38 10.83
CA PRO A 825 -12.73 3.75 11.73
C PRO A 825 -13.22 4.50 12.97
N LYS A 826 -14.54 4.54 13.13
CA LYS A 826 -15.17 5.19 14.28
C LYS A 826 -15.63 4.14 15.30
N GLU A 827 -15.97 2.94 14.81
CA GLU A 827 -16.41 1.84 15.65
C GLU A 827 -15.38 1.52 16.75
N PRO A 828 -15.80 1.59 18.03
CA PRO A 828 -14.93 1.31 19.19
C PRO A 828 -14.49 -0.15 19.29
N LEU A 829 -13.62 -0.44 20.25
CA LEU A 829 -13.10 -1.79 20.44
C LEU A 829 -13.95 -2.68 21.34
N ILE A 830 -13.80 -2.47 22.63
CA ILE A 830 -14.52 -3.25 23.63
C ILE A 830 -15.61 -2.40 24.28
N SER A 831 -16.81 -2.43 23.72
CA SER A 831 -17.92 -1.66 24.27
C SER A 831 -19.33 -2.24 24.07
N GLY A 832 -20.20 -1.93 25.03
CA GLY A 832 -21.57 -2.40 25.02
C GLY A 832 -21.64 -3.77 25.68
N TRP A 833 -22.16 -4.74 24.93
CA TRP A 833 -22.26 -6.10 25.41
C TRP A 833 -20.89 -6.53 25.89
N LEU A 834 -19.87 -6.23 25.09
CA LEU A 834 -18.50 -6.61 25.44
C LEU A 834 -17.95 -5.88 26.66
N PHE A 835 -18.74 -4.94 27.17
CA PHE A 835 -18.34 -4.21 28.35
C PHE A 835 -18.87 -5.04 29.51
N PHE A 836 -20.20 -5.19 29.54
CA PHE A 836 -20.87 -5.98 30.58
C PHE A 836 -20.31 -7.38 30.61
N ARG A 837 -20.23 -7.99 29.43
CA ARG A 837 -19.71 -9.34 29.32
C ARG A 837 -18.31 -9.42 29.91
N TYR A 838 -17.44 -8.51 29.50
CA TYR A 838 -16.09 -8.52 30.00
C TYR A 838 -15.93 -7.86 31.37
N MET A 839 -17.02 -7.28 31.88
CA MET A 839 -16.98 -6.65 33.20
C MET A 839 -17.22 -7.77 34.20
N ALA A 840 -18.24 -8.57 33.94
CA ALA A 840 -18.60 -9.70 34.80
C ALA A 840 -17.47 -10.71 34.89
N ILE A 841 -16.84 -11.04 33.75
CA ILE A 841 -15.73 -11.98 33.79
C ILE A 841 -14.70 -11.47 34.80
N GLY A 842 -14.39 -10.18 34.69
CA GLY A 842 -13.41 -9.58 35.59
C GLY A 842 -13.88 -9.63 37.02
N GLY A 843 -15.09 -9.11 37.26
CA GLY A 843 -15.65 -9.12 38.60
C GLY A 843 -15.63 -10.50 39.23
N TYR A 844 -15.79 -11.54 38.42
CA TYR A 844 -15.75 -12.91 38.93
C TYR A 844 -14.30 -13.22 39.25
N VAL A 845 -13.45 -12.94 38.28
CA VAL A 845 -12.01 -13.16 38.42
C VAL A 845 -11.51 -12.45 39.66
N GLY A 846 -12.08 -11.27 39.93
CA GLY A 846 -11.67 -10.51 41.11
C GLY A 846 -12.03 -11.27 42.37
N ALA A 847 -13.33 -11.41 42.60
CA ALA A 847 -13.85 -12.12 43.75
C ALA A 847 -13.19 -13.48 43.90
N ALA A 848 -13.05 -14.22 42.79
CA ALA A 848 -12.44 -15.54 42.84
C ALA A 848 -11.02 -15.54 43.40
N THR A 849 -10.23 -14.53 43.06
CA THR A 849 -8.87 -14.48 43.57
C THR A 849 -8.85 -14.07 45.04
N VAL A 850 -9.57 -13.00 45.36
CA VAL A 850 -9.63 -12.53 46.73
C VAL A 850 -10.21 -13.63 47.61
N GLY A 851 -11.24 -14.30 47.10
CA GLY A 851 -11.87 -15.37 47.84
C GLY A 851 -10.90 -16.51 48.10
N ALA A 852 -10.12 -16.88 47.08
CA ALA A 852 -9.15 -17.95 47.21
C ALA A 852 -8.12 -17.61 48.30
N ALA A 853 -7.85 -16.33 48.48
CA ALA A 853 -6.90 -15.90 49.50
C ALA A 853 -7.57 -16.07 50.86
N ALA A 854 -8.68 -15.37 51.05
CA ALA A 854 -9.43 -15.43 52.30
C ALA A 854 -9.79 -16.85 52.71
N TRP A 855 -9.92 -17.74 51.74
CA TRP A 855 -10.27 -19.14 52.02
C TRP A 855 -9.15 -19.80 52.81
N TRP A 856 -8.01 -19.99 52.16
CA TRP A 856 -6.87 -20.61 52.83
C TRP A 856 -6.73 -19.99 54.22
N PHE A 857 -6.83 -18.65 54.29
CA PHE A 857 -6.71 -17.93 55.56
C PHE A 857 -7.75 -18.34 56.60
N MET A 858 -8.88 -18.88 56.18
CA MET A 858 -9.91 -19.23 57.13
C MET A 858 -10.38 -20.68 57.15
N TYR A 859 -10.56 -21.28 55.98
CA TYR A 859 -11.03 -22.65 55.92
C TYR A 859 -10.03 -23.66 55.37
N ALA A 860 -8.75 -23.44 55.66
CA ALA A 860 -7.72 -24.35 55.18
C ALA A 860 -7.07 -25.08 56.33
N GLU A 861 -6.63 -26.32 56.08
CA GLU A 861 -6.00 -27.14 57.10
C GLU A 861 -4.64 -26.54 57.50
N ASP A 862 -3.65 -26.64 56.62
CA ASP A 862 -2.32 -26.09 56.90
C ASP A 862 -2.39 -24.59 57.16
N GLY A 863 -3.56 -24.02 57.03
CA GLY A 863 -3.73 -22.59 57.22
C GLY A 863 -4.40 -22.15 58.50
N PRO A 864 -3.81 -21.16 59.20
CA PRO A 864 -4.32 -20.61 60.46
C PRO A 864 -5.78 -20.20 60.35
N GLY A 865 -6.68 -21.16 60.48
CA GLY A 865 -8.09 -20.85 60.37
C GLY A 865 -8.50 -19.63 61.19
N VAL A 866 -9.28 -18.74 60.59
CA VAL A 866 -9.78 -17.53 61.26
C VAL A 866 -11.17 -17.20 60.71
N THR A 867 -11.99 -18.24 60.53
CA THR A 867 -13.36 -18.09 60.00
C THR A 867 -14.18 -17.05 60.73
N TYR A 868 -14.49 -15.94 60.05
CA TYR A 868 -15.26 -14.85 60.63
C TYR A 868 -14.39 -14.15 61.68
N HIS A 869 -13.09 -14.43 61.65
CA HIS A 869 -12.16 -13.83 62.60
C HIS A 869 -11.85 -12.40 62.16
N GLN A 870 -12.60 -11.92 61.18
CA GLN A 870 -12.44 -10.57 60.67
C GLN A 870 -10.99 -10.23 60.33
N LEU A 871 -10.56 -10.60 59.13
CA LEU A 871 -9.22 -10.28 58.66
C LEU A 871 -9.28 -8.79 58.41
N THR A 872 -10.52 -8.32 58.24
CA THR A 872 -10.79 -6.92 57.98
C THR A 872 -10.69 -6.07 59.23
N HIS A 873 -11.53 -6.39 60.21
CA HIS A 873 -11.57 -5.66 61.48
C HIS A 873 -10.15 -5.30 61.90
N PHE A 874 -9.19 -6.18 61.60
CA PHE A 874 -7.80 -5.89 61.94
C PHE A 874 -6.74 -6.63 61.13
N MET A 875 -5.55 -6.06 61.18
CA MET A 875 -4.36 -6.56 60.52
C MET A 875 -3.27 -5.88 61.32
N GLN A 876 -3.71 -4.84 62.03
CA GLN A 876 -2.85 -4.05 62.89
C GLN A 876 -2.12 -4.98 63.85
N CYS A 877 -2.90 -5.82 64.53
CA CYS A 877 -2.35 -6.77 65.49
C CYS A 877 -1.66 -6.03 66.62
N THR A 878 -2.13 -4.81 66.89
CA THR A 878 -1.55 -3.99 67.96
C THR A 878 -2.30 -4.30 69.26
N GLU A 879 -3.23 -5.25 69.18
CA GLU A 879 -4.02 -5.66 70.33
C GLU A 879 -3.69 -7.10 70.71
N ASP A 880 -3.49 -7.93 69.69
CA ASP A 880 -3.19 -9.34 69.87
C ASP A 880 -4.29 -10.02 70.68
N HIS A 881 -5.42 -9.33 70.82
CA HIS A 881 -6.57 -9.86 71.57
C HIS A 881 -7.22 -11.06 70.88
N PRO A 882 -7.47 -10.97 69.56
CA PRO A 882 -8.09 -12.07 68.82
C PRO A 882 -7.18 -13.30 68.76
N HIS A 883 -6.08 -13.25 69.51
CA HIS A 883 -5.12 -14.33 69.57
C HIS A 883 -4.28 -14.12 70.85
N PHE A 884 -4.95 -14.22 72.00
CA PHE A 884 -4.33 -14.03 73.31
C PHE A 884 -2.96 -14.68 73.42
N GLU A 885 -2.95 -16.01 73.58
CA GLU A 885 -1.69 -16.76 73.68
C GLU A 885 -1.11 -16.94 72.28
N GLY A 886 -1.10 -15.85 71.51
CA GLY A 886 -0.58 -15.87 70.16
C GLY A 886 0.63 -14.96 69.99
N LEU A 887 1.75 -15.56 69.61
CA LEU A 887 3.00 -14.82 69.42
C LEU A 887 3.43 -14.86 67.94
N ASP A 888 2.47 -14.72 67.03
CA ASP A 888 2.74 -14.73 65.60
C ASP A 888 1.64 -14.05 64.79
N CYS A 889 2.00 -12.95 64.12
CA CYS A 889 1.06 -12.19 63.29
C CYS A 889 1.65 -11.95 61.90
N GLU A 890 2.76 -12.62 61.61
CA GLU A 890 3.39 -12.46 60.30
C GLU A 890 2.85 -13.44 59.27
N ILE A 891 1.73 -14.10 59.59
CA ILE A 891 1.12 -15.05 58.66
C ILE A 891 0.10 -14.33 57.77
N PHE A 892 -0.11 -13.04 58.05
CA PHE A 892 -1.03 -12.20 57.27
C PHE A 892 -0.34 -11.81 55.98
N GLU A 893 0.90 -12.28 55.82
CA GLU A 893 1.70 -12.00 54.64
C GLU A 893 2.30 -13.30 54.13
N ALA A 894 1.73 -14.41 54.59
CA ALA A 894 2.19 -15.74 54.19
C ALA A 894 2.11 -15.90 52.67
N PRO A 895 2.99 -16.74 52.09
CA PRO A 895 3.01 -16.97 50.64
C PRO A 895 1.88 -17.86 50.14
N GLU A 896 1.43 -18.79 51.00
CA GLU A 896 0.36 -19.73 50.68
C GLU A 896 -0.91 -19.08 50.10
N PRO A 897 -1.51 -18.12 50.83
CA PRO A 897 -2.72 -17.47 50.33
C PRO A 897 -2.50 -16.77 48.98
N MET A 898 -1.37 -16.07 48.84
CA MET A 898 -1.08 -15.41 47.57
C MET A 898 -0.91 -16.47 46.49
N THR A 899 -0.20 -17.56 46.81
CA THR A 899 -0.01 -18.64 45.83
C THR A 899 -1.37 -19.20 45.46
N MET A 900 -2.34 -19.07 46.35
CA MET A 900 -3.68 -19.54 46.05
C MET A 900 -4.33 -18.55 45.09
N ALA A 901 -4.21 -17.26 45.41
CA ALA A 901 -4.77 -16.21 44.56
C ALA A 901 -4.20 -16.26 43.14
N LEU A 902 -2.88 -16.39 43.05
CA LEU A 902 -2.18 -16.43 41.77
C LEU A 902 -2.58 -17.64 40.95
N SER A 903 -2.56 -18.82 41.57
CA SER A 903 -2.94 -20.04 40.88
C SER A 903 -4.34 -19.89 40.32
N VAL A 904 -5.24 -19.27 41.08
CA VAL A 904 -6.60 -19.07 40.61
C VAL A 904 -6.55 -18.28 39.29
N LEU A 905 -5.97 -17.09 39.33
CA LEU A 905 -5.85 -16.22 38.15
C LEU A 905 -5.21 -16.97 36.95
N VAL A 906 -4.06 -17.60 37.16
CA VAL A 906 -3.40 -18.32 36.08
C VAL A 906 -4.26 -19.41 35.49
N THR A 907 -5.06 -20.09 36.32
CA THR A 907 -5.92 -21.15 35.81
C THR A 907 -7.13 -20.57 35.08
N ILE A 908 -7.78 -19.58 35.70
CA ILE A 908 -8.94 -18.91 35.10
C ILE A 908 -8.59 -18.30 33.72
N GLU A 909 -7.38 -17.76 33.59
CA GLU A 909 -6.93 -17.17 32.32
C GLU A 909 -6.65 -18.21 31.25
N MET A 910 -6.18 -19.40 31.65
CA MET A 910 -5.96 -20.44 30.65
C MET A 910 -7.34 -20.80 30.12
N CYS A 911 -8.32 -20.79 31.02
CA CYS A 911 -9.69 -21.13 30.64
C CYS A 911 -10.23 -20.10 29.68
N ASN A 912 -10.27 -18.85 30.13
CA ASN A 912 -10.80 -17.80 29.28
C ASN A 912 -10.10 -17.77 27.93
N ALA A 913 -8.90 -18.35 27.86
CA ALA A 913 -8.15 -18.39 26.62
C ALA A 913 -8.88 -19.32 25.62
N LEU A 914 -9.51 -20.37 26.15
CA LEU A 914 -10.26 -21.29 25.29
C LEU A 914 -11.63 -20.66 25.05
N ASN A 915 -12.11 -19.89 26.02
CA ASN A 915 -13.39 -19.21 25.87
C ASN A 915 -13.21 -18.10 24.83
N SER A 916 -11.95 -17.74 24.57
CA SER A 916 -11.64 -16.69 23.61
C SER A 916 -11.44 -17.18 22.19
N LEU A 917 -11.63 -18.47 21.96
CA LEU A 917 -11.47 -19.01 20.61
C LEU A 917 -12.48 -18.37 19.67
N SER A 918 -13.64 -18.00 20.22
CA SER A 918 -14.69 -17.40 19.44
C SER A 918 -15.43 -16.34 20.27
N GLU A 919 -15.90 -15.29 19.62
CA GLU A 919 -16.59 -14.27 20.36
C GLU A 919 -17.91 -14.71 20.91
N ASN A 920 -18.72 -15.42 20.12
CA ASN A 920 -20.02 -15.85 20.59
C ASN A 920 -20.35 -17.34 20.38
N GLN A 921 -19.37 -18.14 20.01
CA GLN A 921 -19.58 -19.57 19.80
C GLN A 921 -19.09 -20.44 20.97
N SER A 922 -19.91 -21.42 21.33
CA SER A 922 -19.58 -22.34 22.41
C SER A 922 -18.40 -23.19 22.00
N LEU A 923 -17.77 -23.81 23.01
CA LEU A 923 -16.63 -24.69 22.75
C LEU A 923 -17.19 -25.99 22.20
N MET A 924 -18.51 -26.13 22.22
CA MET A 924 -19.17 -27.33 21.69
C MET A 924 -18.91 -27.32 20.20
N ARG A 925 -19.42 -26.29 19.53
CA ARG A 925 -19.25 -26.11 18.08
C ARG A 925 -17.79 -25.84 17.71
N MET A 926 -17.12 -25.08 18.57
CA MET A 926 -15.73 -24.72 18.36
C MET A 926 -14.87 -25.35 19.44
N PRO A 927 -14.48 -26.62 19.25
CA PRO A 927 -13.65 -27.34 20.23
C PRO A 927 -12.35 -26.60 20.50
N PRO A 928 -11.67 -26.95 21.60
CA PRO A 928 -10.39 -26.32 21.95
C PRO A 928 -9.34 -26.60 20.88
N TRP A 929 -9.23 -27.87 20.48
CA TRP A 929 -8.27 -28.31 19.47
C TRP A 929 -8.43 -27.67 18.09
N VAL A 930 -9.38 -26.74 17.97
CA VAL A 930 -9.60 -26.05 16.71
C VAL A 930 -8.36 -25.21 16.45
N ASN A 931 -7.74 -24.74 17.53
CA ASN A 931 -6.53 -23.93 17.45
C ASN A 931 -5.45 -24.66 18.22
N ILE A 932 -4.58 -25.38 17.52
CA ILE A 932 -3.51 -26.13 18.17
C ILE A 932 -2.54 -25.22 18.92
N TRP A 933 -2.09 -24.17 18.26
CA TRP A 933 -1.16 -23.26 18.90
C TRP A 933 -1.63 -22.75 20.25
N LEU A 934 -2.94 -22.62 20.39
CA LEU A 934 -3.52 -22.14 21.63
C LEU A 934 -3.31 -23.16 22.74
N LEU A 935 -3.60 -24.42 22.44
CA LEU A 935 -3.42 -25.48 23.43
C LEU A 935 -1.97 -25.57 23.83
N GLY A 936 -1.09 -25.28 22.87
CA GLY A 936 0.34 -25.32 23.13
C GLY A 936 0.77 -24.29 24.14
N SER A 937 0.47 -23.03 23.84
CA SER A 937 0.84 -21.94 24.76
C SER A 937 0.30 -22.19 26.19
N ILE A 938 -0.93 -22.68 26.29
CA ILE A 938 -1.54 -22.95 27.59
C ILE A 938 -0.67 -23.88 28.42
N CYS A 939 -0.17 -24.95 27.80
CA CYS A 939 0.72 -25.90 28.47
C CYS A 939 2.02 -25.17 28.83
N LEU A 940 2.62 -24.52 27.83
CA LEU A 940 3.86 -23.80 28.07
C LEU A 940 3.69 -22.83 29.24
N SER A 941 2.48 -22.29 29.41
CA SER A 941 2.23 -21.36 30.51
C SER A 941 2.12 -22.08 31.86
N MET A 942 1.11 -22.94 32.02
CA MET A 942 0.93 -23.70 33.26
C MET A 942 2.23 -24.27 33.77
N SER A 943 2.92 -25.05 32.93
CA SER A 943 4.20 -25.63 33.30
C SER A 943 5.13 -24.53 33.80
N LEU A 944 5.19 -23.42 33.06
CA LEU A 944 6.01 -22.28 33.47
C LEU A 944 5.51 -21.80 34.86
N HIS A 945 4.22 -22.00 35.14
CA HIS A 945 3.68 -21.60 36.43
C HIS A 945 4.41 -22.43 37.49
N PHE A 946 4.63 -23.71 37.19
CA PHE A 946 5.33 -24.58 38.12
C PHE A 946 6.79 -24.20 38.24
N LEU A 947 7.41 -23.82 37.13
CA LEU A 947 8.82 -23.42 37.13
C LEU A 947 9.14 -22.36 38.20
N ILE A 948 8.22 -21.41 38.41
CA ILE A 948 8.46 -20.38 39.43
C ILE A 948 8.01 -20.84 40.82
N LEU A 949 7.45 -22.03 40.91
CA LEU A 949 6.99 -22.56 42.20
C LEU A 949 8.00 -23.53 42.82
N TYR A 950 8.91 -24.07 42.01
CA TYR A 950 9.88 -25.02 42.53
C TYR A 950 11.36 -24.60 42.41
N VAL A 951 11.79 -24.16 41.22
CA VAL A 951 13.18 -23.75 41.05
C VAL A 951 13.55 -22.67 42.08
N ASP A 952 14.11 -23.12 43.20
CA ASP A 952 14.53 -22.28 44.34
C ASP A 952 14.47 -20.75 44.22
N PRO A 953 15.25 -20.15 43.30
CA PRO A 953 15.22 -18.69 43.18
C PRO A 953 13.81 -18.12 43.04
N LEU A 954 13.16 -18.50 41.94
CA LEU A 954 11.83 -18.05 41.58
C LEU A 954 10.77 -18.07 42.68
N PRO A 955 10.40 -19.28 43.15
CA PRO A 955 9.38 -19.38 44.20
C PRO A 955 9.51 -18.38 45.34
N MET A 956 10.73 -18.07 45.72
CA MET A 956 10.95 -17.11 46.80
C MET A 956 10.87 -15.69 46.27
N ILE A 957 11.57 -15.45 45.16
CA ILE A 957 11.59 -14.12 44.55
C ILE A 957 10.18 -13.62 44.27
N PHE A 958 9.36 -14.50 43.70
CA PHE A 958 7.98 -14.15 43.39
C PHE A 958 7.08 -14.12 44.61
N LYS A 959 7.59 -14.66 45.72
CA LYS A 959 6.85 -14.70 46.99
C LYS A 959 5.74 -15.77 46.93
N LEU A 960 6.08 -16.93 46.36
CA LEU A 960 5.14 -18.04 46.17
C LEU A 960 5.62 -19.37 46.76
N LYS A 961 4.68 -20.27 47.03
CA LYS A 961 5.01 -21.59 47.56
C LYS A 961 4.13 -22.67 46.93
N ALA A 962 4.76 -23.75 46.50
CA ALA A 962 4.04 -24.85 45.86
C ALA A 962 2.72 -25.11 46.58
N LEU A 963 1.73 -25.57 45.82
CA LEU A 963 0.41 -25.87 46.40
C LEU A 963 0.27 -27.38 46.57
N ASP A 964 -0.56 -27.78 47.54
CA ASP A 964 -0.80 -29.18 47.81
C ASP A 964 -1.91 -29.69 46.90
N LEU A 965 -1.85 -30.98 46.56
CA LEU A 965 -2.85 -31.58 45.69
C LEU A 965 -4.29 -31.33 46.15
N THR A 966 -4.43 -30.89 47.39
CA THR A 966 -5.76 -30.63 47.95
C THR A 966 -6.15 -29.19 47.65
N GLN A 967 -5.18 -28.30 47.84
CA GLN A 967 -5.39 -26.88 47.61
C GLN A 967 -5.67 -26.66 46.12
N TRP A 968 -4.84 -27.27 45.27
CA TRP A 968 -4.98 -27.20 43.81
C TRP A 968 -6.36 -27.65 43.39
N LEU A 969 -6.92 -28.57 44.17
CA LEU A 969 -8.25 -29.09 43.92
C LEU A 969 -9.24 -27.95 44.16
N MET A 970 -8.84 -26.99 44.99
CA MET A 970 -9.68 -25.84 45.32
C MET A 970 -9.55 -24.76 44.24
N VAL A 971 -8.43 -24.76 43.52
CA VAL A 971 -8.26 -23.77 42.46
C VAL A 971 -9.25 -24.17 41.38
N LEU A 972 -9.07 -25.35 40.79
CA LEU A 972 -9.96 -25.83 39.73
C LEU A 972 -11.43 -25.65 40.11
N LYS A 973 -11.72 -25.80 41.41
CA LYS A 973 -13.07 -25.66 41.90
C LYS A 973 -13.57 -24.23 41.75
N ILE A 974 -12.66 -23.28 41.89
CA ILE A 974 -13.05 -21.88 41.80
C ILE A 974 -12.53 -21.21 40.54
N SER A 975 -12.01 -22.01 39.60
CA SER A 975 -11.50 -21.50 38.34
C SER A 975 -12.32 -22.00 37.14
N LEU A 976 -12.34 -23.31 36.94
CA LEU A 976 -13.08 -23.94 35.84
C LEU A 976 -14.47 -23.39 35.56
N PRO A 977 -15.21 -22.99 36.59
CA PRO A 977 -16.55 -22.44 36.41
C PRO A 977 -16.67 -21.23 35.50
N VAL A 978 -15.58 -20.49 35.31
CA VAL A 978 -15.62 -19.32 34.41
C VAL A 978 -16.09 -19.76 32.99
N ILE A 979 -15.65 -20.94 32.57
CA ILE A 979 -16.01 -21.52 31.28
C ILE A 979 -17.54 -21.62 31.12
N GLY A 980 -18.24 -21.89 32.21
CA GLY A 980 -19.69 -21.97 32.15
C GLY A 980 -20.31 -20.58 32.09
N LEU A 981 -19.73 -19.65 32.83
CA LEU A 981 -20.20 -18.28 32.87
C LEU A 981 -20.15 -17.61 31.49
N ASP A 982 -19.02 -17.78 30.79
CA ASP A 982 -18.88 -17.16 29.48
C ASP A 982 -19.79 -17.88 28.48
N GLU A 983 -19.89 -19.21 28.60
CA GLU A 983 -20.76 -19.95 27.71
C GLU A 983 -22.18 -19.35 27.82
N ILE A 984 -22.57 -18.99 29.04
CA ILE A 984 -23.87 -18.38 29.33
C ILE A 984 -24.00 -17.04 28.62
N LEU A 985 -23.01 -16.17 28.85
CA LEU A 985 -22.99 -14.84 28.24
C LEU A 985 -22.97 -15.03 26.71
N LYS A 986 -22.21 -16.02 26.26
CA LYS A 986 -22.12 -16.31 24.83
C LYS A 986 -23.52 -16.73 24.36
N PHE A 987 -24.14 -17.62 25.12
CA PHE A 987 -25.48 -18.09 24.79
C PHE A 987 -26.42 -16.89 24.72
N ILE A 988 -26.39 -16.04 25.75
CA ILE A 988 -27.24 -14.86 25.79
C ILE A 988 -27.07 -13.98 24.55
N ALA A 989 -25.91 -14.04 23.91
CA ALA A 989 -25.65 -13.25 22.71
C ALA A 989 -26.21 -13.91 21.44
N ARG A 990 -25.93 -15.20 21.26
CA ARG A 990 -26.42 -15.93 20.10
C ARG A 990 -27.93 -15.89 19.95
N ASN A 991 -28.63 -16.13 21.05
CA ASN A 991 -30.09 -16.16 21.01
C ASN A 991 -30.80 -14.83 21.29
N TYR A 992 -30.76 -14.38 22.54
CA TYR A 992 -31.45 -13.15 22.93
C TYR A 992 -30.76 -11.83 22.56
N LEU A 993 -29.80 -11.88 21.64
CA LEU A 993 -29.09 -10.66 21.22
C LEU A 993 -28.88 -10.56 19.71
N GLU A 994 -29.71 -11.30 18.97
CA GLU A 994 -29.65 -11.31 17.52
C GLU A 994 -30.96 -10.78 16.91
N GLY A 995 -30.92 -9.51 16.51
CA GLY A 995 -32.10 -8.89 15.92
C GLY A 995 -31.84 -7.45 15.51
O2 CZA B . -0.56 3.35 24.74
C6 CZA B . -0.87 2.28 25.29
C3 CZA B . -2.16 1.75 25.61
C2 CZA B . -3.34 2.34 25.38
O1 CZA B . -3.39 3.74 25.22
C1 CZA B . -4.55 1.62 25.23
C5 CZA B . 0.16 1.24 25.70
C7 CZA B . 1.21 1.63 26.78
C15 CZA B . 2.64 1.58 26.27
C16 CZA B . 3.26 2.12 25.18
N2 CZA B . 4.58 1.73 25.19
C17 CZA B . 4.82 0.93 26.31
C14 CZA B . 3.59 0.84 26.98
C18 CZA B . 5.97 0.29 26.79
C19 CZA B . 5.81 -0.45 27.94
C20 CZA B . 4.56 -0.55 28.63
C13 CZA B . 3.47 0.13 28.17
C12 CZA B . 2.14 0.24 28.85
C8 CZA B . 0.91 0.61 27.96
C9 CZA B . 0.17 -0.56 27.31
C10 CZA B . 1.09 -1.54 26.55
C11 CZA B . -0.68 -1.29 28.34
N1 CZA B . -0.65 0.19 26.31
C4 CZA B . -1.98 0.47 26.30
O3 CZA B . -2.89 -0.21 26.77
C1 PTY C . -11.21 -0.83 35.98
C2 PTY C . -13.20 2.87 28.91
C3 PTY C . -12.12 1.80 28.56
O4 PTY C . -12.59 -1.32 35.87
C5 PTY C . -11.19 0.18 33.45
C6 PTY C . -10.49 -0.68 34.60
O7 PTY C . -10.20 -2.08 34.25
C8 PTY C . -9.09 -2.29 33.49
O10 PTY C . -8.97 -1.98 32.30
C11 PTY C . -7.97 -2.84 34.27
C30 PTY C . -13.54 -0.45 36.29
C31 PTY C . -14.53 0.05 35.25
O30 PTY C . -13.64 -0.10 37.43
P1 PTY C . -12.08 0.19 30.81
O11 PTY C . -11.46 1.32 29.79
O12 PTY C . -13.48 0.82 31.40
O13 PTY C . -12.72 -1.20 30.25
O14 PTY C . -11.07 -0.12 32.04
N1 PTY C . -14.50 2.56 28.27
C1 PTY D . -25.33 -25.91 24.92
C2 PTY D . -26.95 -21.18 17.84
C3 PTY D . -26.77 -22.65 18.39
O4 PTY D . -24.46 -24.80 25.38
C5 PTY D . -26.18 -24.96 22.67
C6 PTY D . -26.61 -25.49 24.09
O7 PTY D . -27.43 -24.55 24.87
C8 PTY D . -28.55 -24.99 25.59
O10 PTY D . -29.50 -25.57 25.07
C11 PTY D . -28.53 -24.75 27.08
C30 PTY D . -23.38 -25.15 26.14
C31 PTY D . -23.43 -24.67 27.60
O30 PTY D . -22.44 -25.75 25.72
P1 PTY D . -27.46 -23.05 21.01
O11 PTY D . -26.44 -22.72 19.83
O12 PTY D . -28.31 -21.70 21.34
O13 PTY D . -28.46 -24.21 20.61
O14 PTY D . -26.60 -23.64 22.25
N1 PTY D . -28.35 -20.68 17.80
C1 PTY E . -18.21 2.74 53.82
C2 PTY E . -11.91 -1.28 55.77
C3 PTY E . -12.99 -0.21 55.42
O4 PTY E . -18.57 2.83 52.39
C5 PTY E . -17.37 1.46 55.80
C6 PTY E . -17.89 1.29 54.32
O7 PTY E . -16.95 0.55 53.42
C8 PTY E . -17.37 -0.60 52.76
O10 PTY E . -17.52 -1.69 53.31
C11 PTY E . -17.65 -0.48 51.28
C30 PTY E . -19.86 3.18 52.10
C31 PTY E . -20.79 2.05 51.66
O30 PTY E . -20.27 4.29 52.13
P1 PTY E . -14.86 1.08 56.97
O11 PTY E . -14.01 -0.19 56.48
O12 PTY E . -15.56 0.66 58.36
O13 PTY E . -13.87 2.23 57.43
O14 PTY E . -15.95 1.68 55.96
N1 PTY E . -10.56 -0.69 55.59
#